data_4Y6R
#
_entry.id   4Y6R
#
_cell.length_a   51.399
_cell.length_b   54.852
_cell.length_c   85.208
_cell.angle_alpha   89.64
_cell.angle_beta   105.40
_cell.angle_gamma   107.61
#
_symmetry.space_group_name_H-M   'P 1'
#
loop_
_entity.id
_entity.type
_entity.pdbx_description
1 polymer '1-deoxy-D-xylulose 5-phosphate reductoisomerase, apicoplast'
2 non-polymer '{(2R)-4-[hydroxy(methyl)amino]-4-oxo-2-phenylbutyl}phosphonic acid'
3 non-polymer 'MANGANESE (II) ION'
4 non-polymer 'CHLORIDE ION'
5 non-polymer 'SULFATE ION'
6 water water
#
_entity_poly.entity_id   1
_entity_poly.type   'polypeptide(L)'
_entity_poly.pdbx_seq_one_letter_code
;MAHHHHHHKKPINVAIFGSTGSIGTNALNIIRECNKIENVFNVKALYVNKSVNELYEQAREFLPEYLCIHDKSVYEELKE
LVKNIKDYKPIILCGDEGMKEICSSNSIDKIVIGIDSFQGLYSTMYAIMNNKIVALANKESIVSAGFFLKKLLNIHKNAK
IIPVDSEHSAIFQCLDNNKVLKTKCLQDNFSKINNINKIFLCSSGGPFQNLTMDELKNVTSENALKHPKWKMGKKITIDS
ATMMNKGLEVIETHFLFDVDYNDIEVIVHKECIIHSCVEFIDKSVISQMYYPDMQIPILYSLTWPDRIKTNLKPLDLAQV
STLTFHKPSLEHFPCIKLAYQAGIKGNFYPTVLNASNEIANNLFLNNKIKYFDISSIISQVLESFNSQKVSENSEDLMKQ
ILQIHSWAKDKATDIYNKHNSS
;
_entity_poly.pdbx_strand_id   A,B
#
loop_
_chem_comp.id
_chem_comp.type
_chem_comp.name
_chem_comp.formula
CL non-polymer 'CHLORIDE ION' 'Cl -1'
MN non-polymer 'MANGANESE (II) ION' 'Mn 2'
RF7 non-polymer '{(2R)-4-[hydroxy(methyl)amino]-4-oxo-2-phenylbutyl}phosphonic acid' 'C11 H16 N O5 P'
SO4 non-polymer 'SULFATE ION' 'O4 S -2'
#
# COMPACT_ATOMS: atom_id res chain seq x y z
N PRO A 11 20.37 16.23 4.84
CA PRO A 11 20.82 16.20 3.46
C PRO A 11 21.11 14.78 2.98
N ILE A 12 20.65 14.44 1.79
CA ILE A 12 20.93 13.12 1.24
C ILE A 12 22.03 13.25 0.20
N ASN A 13 23.11 12.54 0.46
CA ASN A 13 24.33 12.59 -0.35
C ASN A 13 24.40 11.46 -1.35
N VAL A 14 24.30 11.84 -2.61
CA VAL A 14 24.11 10.90 -3.68
C VAL A 14 25.12 11.05 -4.79
N ALA A 15 25.54 9.91 -5.33
CA ALA A 15 26.34 9.84 -6.55
C ALA A 15 25.49 9.23 -7.65
N ILE A 16 25.71 9.67 -8.89
CA ILE A 16 24.97 9.14 -10.04
C ILE A 16 25.95 8.55 -11.03
N PHE A 17 25.86 7.23 -11.25
CA PHE A 17 26.73 6.56 -12.22
C PHE A 17 25.95 6.36 -13.52
N GLY A 18 26.48 6.86 -14.63
CA GLY A 18 25.72 6.87 -15.88
C GLY A 18 24.84 8.11 -15.92
N SER A 19 25.37 9.25 -15.47
CA SER A 19 24.50 10.42 -15.27
C SER A 19 23.89 11.01 -16.54
N THR A 20 24.38 10.64 -17.73
CA THR A 20 23.78 11.16 -18.97
C THR A 20 22.79 10.20 -19.59
N GLY A 21 22.67 9.00 -19.02
CA GLY A 21 21.68 8.04 -19.50
C GLY A 21 20.29 8.38 -19.04
N SER A 22 19.34 7.55 -19.45
CA SER A 22 17.93 7.75 -19.11
C SER A 22 17.68 7.83 -17.60
N ILE A 23 18.12 6.84 -16.85
CA ILE A 23 17.88 6.85 -15.40
C ILE A 23 18.62 8.03 -14.75
N GLY A 24 19.88 8.24 -15.14
CA GLY A 24 20.68 9.33 -14.58
C GLY A 24 20.12 10.71 -14.81
N THR A 25 19.65 10.99 -16.03
CA THR A 25 19.06 12.30 -16.29
C THR A 25 17.75 12.44 -15.56
N ASN A 26 16.98 11.36 -15.46
CA ASN A 26 15.72 11.46 -14.71
C ASN A 26 15.95 11.67 -13.23
N ALA A 27 16.98 11.01 -12.71
CA ALA A 27 17.39 11.24 -11.33
C ALA A 27 17.76 12.71 -11.09
N LEU A 28 18.59 13.27 -11.97
CA LEU A 28 18.97 14.68 -11.84
C LEU A 28 17.77 15.62 -11.94
N ASN A 29 16.84 15.33 -12.82
CA ASN A 29 15.62 16.14 -12.91
C ASN A 29 14.79 16.16 -11.64
N ILE A 30 14.46 14.98 -11.08
CA ILE A 30 13.67 14.97 -9.85
C ILE A 30 14.47 15.58 -8.68
N ILE A 31 15.77 15.34 -8.63
CA ILE A 31 16.63 16.02 -7.65
C ILE A 31 16.52 17.55 -7.78
N ARG A 32 16.62 18.04 -9.02
CA ARG A 32 16.50 19.48 -9.30
C ARG A 32 15.17 20.03 -8.83
N GLU A 33 14.10 19.32 -9.13
CA GLU A 33 12.77 19.81 -8.77
C GLU A 33 12.53 19.77 -7.27
N CYS A 34 12.95 18.69 -6.61
CA CYS A 34 12.78 18.58 -5.15
C CYS A 34 13.63 19.60 -4.41
N ASN A 35 14.86 19.80 -4.85
CA ASN A 35 15.72 20.82 -4.26
C ASN A 35 15.14 22.24 -4.37
N LYS A 36 14.36 22.52 -5.41
CA LYS A 36 13.67 23.81 -5.50
C LYS A 36 12.62 24.02 -4.42
N ILE A 37 12.05 22.93 -3.92
CA ILE A 37 11.04 23.01 -2.86
C ILE A 37 11.74 23.18 -1.52
N GLU A 38 12.74 22.34 -1.29
CA GLU A 38 13.52 22.36 -0.07
C GLU A 38 14.87 21.73 -0.36
N ASN A 39 15.93 22.39 0.08
CA ASN A 39 17.27 21.90 -0.20
C ASN A 39 17.54 20.60 0.55
N VAL A 40 17.54 19.50 -0.20
CA VAL A 40 17.53 18.17 0.39
C VAL A 40 18.71 17.32 -0.08
N PHE A 41 18.99 17.37 -1.38
CA PHE A 41 20.02 16.54 -1.99
C PHE A 41 21.32 17.29 -2.21
N ASN A 42 22.42 16.64 -1.88
CA ASN A 42 23.73 17.03 -2.37
C ASN A 42 24.18 15.98 -3.36
N VAL A 43 24.28 16.38 -4.61
CA VAL A 43 24.88 15.53 -5.62
C VAL A 43 26.39 15.58 -5.44
N LYS A 44 26.94 14.46 -4.96
CA LYS A 44 28.35 14.40 -4.57
C LYS A 44 29.28 13.99 -5.67
N ALA A 45 28.74 13.30 -6.67
CA ALA A 45 29.58 12.73 -7.73
C ALA A 45 28.77 12.40 -8.97
N LEU A 46 29.37 12.66 -10.12
CA LEU A 46 28.82 12.29 -11.41
C LEU A 46 29.86 11.49 -12.15
N TYR A 47 29.41 10.44 -12.82
CA TYR A 47 30.26 9.54 -13.58
C TYR A 47 29.60 9.26 -14.92
N VAL A 48 30.30 9.59 -15.99
CA VAL A 48 29.78 9.29 -17.31
C VAL A 48 30.88 8.64 -18.12
N ASN A 49 30.48 8.00 -19.21
CA ASN A 49 31.41 7.27 -20.02
C ASN A 49 32.26 8.22 -20.90
N LYS A 50 31.63 8.87 -21.87
CA LYS A 50 32.37 9.65 -22.85
C LYS A 50 31.85 11.09 -23.10
N SER A 51 30.60 11.38 -22.70
CA SER A 51 29.96 12.65 -23.01
C SER A 51 30.48 13.84 -22.15
N VAL A 52 31.65 14.33 -22.52
CA VAL A 52 32.36 15.36 -21.77
C VAL A 52 31.63 16.71 -21.67
N ASN A 53 30.93 17.09 -22.74
CA ASN A 53 30.17 18.33 -22.75
C ASN A 53 28.98 18.25 -21.80
N GLU A 54 28.28 17.12 -21.85
CA GLU A 54 27.12 16.90 -20.98
C GLU A 54 27.53 16.89 -19.50
N LEU A 55 28.66 16.23 -19.20
CA LEU A 55 29.12 16.16 -17.81
C LEU A 55 29.47 17.55 -17.29
N TYR A 56 30.05 18.36 -18.17
CA TYR A 56 30.37 19.73 -17.85
C TYR A 56 29.10 20.49 -17.48
N GLU A 57 28.06 20.33 -18.30
CA GLU A 57 26.77 21.01 -18.12
C GLU A 57 26.16 20.61 -16.76
N GLN A 58 26.21 19.32 -16.44
CA GLN A 58 25.69 18.80 -15.16
C GLN A 58 26.54 19.28 -13.97
N ALA A 59 27.85 19.21 -14.12
CA ALA A 59 28.78 19.66 -13.09
C ALA A 59 28.50 21.13 -12.74
N ARG A 60 28.25 21.89 -13.80
CA ARG A 60 28.00 23.31 -13.75
C ARG A 60 26.78 23.57 -12.85
N GLU A 61 25.75 22.76 -13.04
CA GLU A 61 24.52 22.94 -12.28
C GLU A 61 24.58 22.35 -10.86
N PHE A 62 25.06 21.12 -10.72
CA PHE A 62 24.97 20.37 -9.45
C PHE A 62 26.20 20.47 -8.57
N LEU A 63 27.29 20.93 -9.18
CA LEU A 63 28.54 21.20 -8.51
C LEU A 63 28.98 20.07 -7.58
N PRO A 64 29.13 18.85 -8.13
CA PRO A 64 29.55 17.72 -7.28
C PRO A 64 31.02 17.80 -6.86
N GLU A 65 31.31 17.23 -5.69
CA GLU A 65 32.66 17.15 -5.17
C GLU A 65 33.58 16.31 -6.07
N TYR A 66 33.02 15.29 -6.70
CA TYR A 66 33.77 14.41 -7.61
C TYR A 66 33.16 14.41 -9.00
N LEU A 67 34.01 14.47 -10.02
CA LEU A 67 33.62 14.17 -11.38
C LEU A 67 34.49 13.04 -11.91
N CYS A 68 33.90 12.12 -12.67
CA CYS A 68 34.68 11.07 -13.32
C CYS A 68 34.19 10.86 -14.74
N ILE A 69 35.14 10.84 -15.68
CA ILE A 69 34.83 10.44 -17.05
C ILE A 69 35.60 9.16 -17.29
N HIS A 70 34.91 8.14 -17.79
CA HIS A 70 35.53 6.85 -18.00
C HIS A 70 36.59 6.95 -19.11
N ASP A 71 36.16 7.42 -20.28
CA ASP A 71 37.04 7.54 -21.44
C ASP A 71 38.22 8.48 -21.19
N LYS A 72 39.36 7.83 -21.00
CA LYS A 72 40.61 8.45 -20.61
C LYS A 72 41.08 9.49 -21.63
N SER A 73 40.62 9.33 -22.87
CA SER A 73 41.01 10.18 -23.99
C SER A 73 40.49 11.63 -23.84
N VAL A 74 39.39 11.78 -23.10
CA VAL A 74 38.70 13.06 -23.00
C VAL A 74 38.90 13.74 -21.61
N TYR A 75 39.77 13.14 -20.79
CA TYR A 75 39.96 13.55 -19.42
C TYR A 75 40.58 14.97 -19.24
N GLU A 76 41.53 15.29 -20.10
CA GLU A 76 42.20 16.60 -20.06
C GLU A 76 41.23 17.69 -20.50
N GLU A 77 40.42 17.32 -21.49
CA GLU A 77 39.37 18.15 -22.05
C GLU A 77 38.42 18.56 -20.91
N LEU A 78 37.96 17.57 -20.16
CA LEU A 78 37.03 17.80 -19.05
C LEU A 78 37.59 18.82 -18.04
N LYS A 79 38.87 18.69 -17.71
CA LYS A 79 39.52 19.63 -16.81
C LYS A 79 39.50 21.08 -17.32
N GLU A 80 39.65 21.21 -18.63
CA GLU A 80 39.64 22.49 -19.32
C GLU A 80 38.25 23.10 -19.16
N LEU A 81 37.25 22.29 -19.51
CA LEU A 81 35.84 22.71 -19.45
C LEU A 81 35.49 23.24 -18.03
N VAL A 82 35.81 22.44 -17.03
CA VAL A 82 35.38 22.67 -15.65
C VAL A 82 36.07 23.87 -14.95
N LYS A 83 37.21 24.28 -15.52
CA LYS A 83 37.92 25.52 -15.17
C LYS A 83 37.01 26.74 -15.23
N ASN A 84 36.09 26.69 -16.19
CA ASN A 84 35.14 27.75 -16.46
C ASN A 84 33.95 27.85 -15.51
N ILE A 85 33.88 26.93 -14.57
CA ILE A 85 32.83 26.95 -13.57
C ILE A 85 33.39 27.65 -12.34
N LYS A 86 32.79 28.75 -11.96
CA LYS A 86 33.47 29.52 -10.97
C LYS A 86 33.24 28.92 -9.59
N ASP A 87 34.21 29.20 -8.74
CA ASP A 87 34.11 28.88 -7.34
C ASP A 87 33.86 27.40 -7.10
N TYR A 88 34.57 26.58 -7.85
CA TYR A 88 34.29 25.17 -7.94
C TYR A 88 35.60 24.47 -8.21
N LYS A 89 36.00 23.60 -7.30
CA LYS A 89 37.21 22.81 -7.52
C LYS A 89 36.96 21.37 -7.13
N PRO A 90 36.31 20.64 -8.03
CA PRO A 90 36.03 19.23 -7.82
C PRO A 90 37.30 18.40 -7.85
N ILE A 91 37.19 17.16 -7.41
CA ILE A 91 38.21 16.15 -7.64
C ILE A 91 37.82 15.51 -8.94
N ILE A 92 38.66 15.67 -9.96
CA ILE A 92 38.34 15.14 -11.29
C ILE A 92 39.17 13.89 -11.57
N LEU A 93 38.47 12.80 -11.88
CA LEU A 93 39.05 11.48 -12.02
C LEU A 93 38.69 10.89 -13.36
N CYS A 94 39.16 9.67 -13.61
N CYS A 94 39.21 9.69 -13.65
CA CYS A 94 38.91 8.99 -14.87
CA CYS A 94 38.80 8.98 -14.86
C CYS A 94 39.02 7.47 -14.77
C CYS A 94 38.97 7.48 -14.74
N GLY A 95 38.32 6.78 -15.66
CA GLY A 95 38.31 5.32 -15.71
C GLY A 95 37.78 4.63 -14.48
N ASP A 96 37.86 3.30 -14.49
CA ASP A 96 37.53 2.49 -13.32
C ASP A 96 38.10 3.04 -12.03
N GLU A 97 39.32 3.57 -12.07
CA GLU A 97 39.99 4.04 -10.84
C GLU A 97 39.26 5.21 -10.19
N GLY A 98 38.67 6.08 -11.01
CA GLY A 98 37.90 7.20 -10.49
C GLY A 98 36.60 6.70 -9.89
N MET A 99 36.02 5.70 -10.55
CA MET A 99 34.79 5.07 -10.06
C MET A 99 35.01 4.49 -8.66
N LYS A 100 36.08 3.73 -8.48
CA LYS A 100 36.42 3.11 -7.19
C LYS A 100 36.69 4.13 -6.10
N GLU A 101 37.35 5.22 -6.47
CA GLU A 101 37.63 6.28 -5.51
C GLU A 101 36.34 6.93 -5.00
N ILE A 102 35.40 7.16 -5.91
CA ILE A 102 34.10 7.72 -5.55
C ILE A 102 33.38 6.78 -4.59
N CYS A 103 33.34 5.49 -4.93
CA CYS A 103 32.70 4.50 -4.07
C CYS A 103 33.27 4.49 -2.66
N SER A 104 34.56 4.74 -2.55
CA SER A 104 35.18 4.65 -1.23
C SER A 104 34.99 5.91 -0.38
N SER A 105 34.43 6.97 -0.95
CA SER A 105 34.30 8.22 -0.22
C SER A 105 33.24 8.13 0.86
N ASN A 106 33.58 8.55 2.07
CA ASN A 106 32.65 8.45 3.17
C ASN A 106 31.61 9.59 3.16
N SER A 107 31.78 10.53 2.24
CA SER A 107 30.81 11.61 2.03
C SER A 107 29.65 11.21 1.10
N ILE A 108 29.64 9.96 0.65
CA ILE A 108 28.61 9.45 -0.26
C ILE A 108 27.82 8.32 0.40
N ASP A 109 26.50 8.45 0.46
CA ASP A 109 25.69 7.43 1.12
C ASP A 109 24.96 6.51 0.13
N LYS A 110 24.60 7.07 -1.01
CA LYS A 110 23.74 6.39 -1.98
C LYS A 110 24.28 6.55 -3.36
N ILE A 111 24.25 5.48 -4.12
CA ILE A 111 24.75 5.52 -5.47
C ILE A 111 23.71 4.97 -6.43
N VAL A 112 23.32 5.82 -7.37
CA VAL A 112 22.44 5.40 -8.45
C VAL A 112 23.27 4.76 -9.57
N ILE A 113 22.94 3.52 -9.86
CA ILE A 113 23.64 2.78 -10.92
C ILE A 113 22.80 2.85 -12.18
N GLY A 114 23.10 3.82 -13.03
CA GLY A 114 22.40 3.96 -14.30
C GLY A 114 23.30 3.56 -15.44
N ILE A 115 24.02 2.46 -15.26
CA ILE A 115 24.88 1.93 -16.31
C ILE A 115 24.47 0.49 -16.52
N ASP A 116 24.28 0.11 -17.77
CA ASP A 116 23.97 -1.28 -18.05
C ASP A 116 25.22 -2.12 -18.28
N SER A 117 24.96 -3.38 -18.56
CA SER A 117 25.99 -4.25 -19.05
C SER A 117 27.04 -4.48 -17.96
N PHE A 118 28.19 -4.98 -18.36
CA PHE A 118 29.13 -5.44 -17.36
C PHE A 118 29.71 -4.31 -16.50
N GLN A 119 29.88 -3.16 -17.11
CA GLN A 119 30.44 -2.01 -16.47
C GLN A 119 29.58 -1.59 -15.25
N GLY A 120 28.29 -1.84 -15.39
CA GLY A 120 27.33 -1.55 -14.32
C GLY A 120 27.45 -2.52 -13.16
N LEU A 121 27.70 -3.79 -13.46
CA LEU A 121 27.92 -4.80 -12.42
C LEU A 121 29.19 -4.49 -11.63
N TYR A 122 30.24 -4.05 -12.33
CA TYR A 122 31.52 -3.75 -11.71
C TYR A 122 31.40 -2.58 -10.73
N SER A 123 30.61 -1.57 -11.11
CA SER A 123 30.38 -0.43 -10.25
C SER A 123 29.52 -0.86 -9.05
N THR A 124 28.48 -1.63 -9.35
CA THR A 124 27.63 -2.17 -8.29
C THR A 124 28.47 -2.91 -7.25
N MET A 125 29.38 -3.74 -7.73
CA MET A 125 30.23 -4.51 -6.84
C MET A 125 31.01 -3.58 -5.92
N TYR A 126 31.59 -2.54 -6.49
CA TYR A 126 32.38 -1.59 -5.70
C TYR A 126 31.53 -0.77 -4.72
N ALA A 127 30.30 -0.43 -5.11
CA ALA A 127 29.39 0.24 -4.18
C ALA A 127 29.10 -0.66 -3.00
N ILE A 128 28.83 -1.95 -3.27
CA ILE A 128 28.55 -2.92 -2.21
C ILE A 128 29.77 -3.16 -1.35
N MET A 129 30.93 -3.28 -1.98
CA MET A 129 32.15 -3.49 -1.21
C MET A 129 32.41 -2.32 -0.28
N ASN A 130 31.90 -1.13 -0.61
CA ASN A 130 32.03 0.05 0.24
C ASN A 130 30.81 0.32 1.12
N ASN A 131 29.98 -0.71 1.31
CA ASN A 131 28.84 -0.63 2.21
C ASN A 131 27.85 0.48 1.94
N LYS A 132 27.70 0.85 0.67
CA LYS A 132 26.76 1.89 0.27
C LYS A 132 25.36 1.37 0.02
N ILE A 133 24.42 2.31 0.00
CA ILE A 133 23.09 2.07 -0.55
C ILE A 133 23.18 2.20 -2.07
N VAL A 134 22.74 1.17 -2.76
CA VAL A 134 22.86 1.11 -4.20
C VAL A 134 21.48 1.13 -4.82
N ALA A 135 21.15 2.22 -5.51
CA ALA A 135 19.87 2.34 -6.19
C ALA A 135 20.07 1.77 -7.58
N LEU A 136 19.62 0.53 -7.72
CA LEU A 136 20.03 -0.30 -8.83
C LEU A 136 18.96 -0.34 -9.92
N ALA A 137 19.26 0.28 -11.05
CA ALA A 137 18.31 0.31 -12.16
C ALA A 137 18.62 -0.74 -13.26
N ASN A 138 19.73 -1.45 -13.18
CA ASN A 138 20.01 -2.47 -14.19
C ASN A 138 19.58 -3.86 -13.71
N LYS A 139 18.36 -4.26 -14.06
CA LYS A 139 17.83 -5.54 -13.57
C LYS A 139 18.54 -6.74 -14.14
N GLU A 140 19.22 -6.55 -15.28
CA GLU A 140 19.90 -7.67 -15.92
C GLU A 140 21.03 -8.21 -15.05
N SER A 141 21.63 -7.33 -14.25
CA SER A 141 22.65 -7.77 -13.32
C SER A 141 22.04 -8.65 -12.23
N ILE A 142 20.82 -8.36 -11.81
CA ILE A 142 20.16 -9.16 -10.77
C ILE A 142 19.76 -10.50 -11.35
N VAL A 143 19.24 -10.48 -12.57
CA VAL A 143 18.84 -11.70 -13.25
C VAL A 143 20.01 -12.63 -13.55
N SER A 144 21.08 -12.08 -14.10
CA SER A 144 22.24 -12.88 -14.50
C SER A 144 23.20 -13.20 -13.36
N ALA A 145 23.39 -12.26 -12.45
CA ALA A 145 24.45 -12.36 -11.44
C ALA A 145 23.87 -12.32 -10.04
N GLY A 146 22.62 -12.72 -9.93
CA GLY A 146 21.92 -12.74 -8.65
C GLY A 146 22.71 -13.44 -7.58
N PHE A 147 23.29 -14.59 -7.91
CA PHE A 147 24.06 -15.38 -6.93
C PHE A 147 25.24 -14.63 -6.35
N PHE A 148 25.96 -13.98 -7.27
CA PHE A 148 27.13 -13.21 -6.94
C PHE A 148 26.76 -12.01 -6.07
N LEU A 149 25.65 -11.33 -6.39
CA LEU A 149 25.27 -10.17 -5.61
C LEU A 149 24.83 -10.59 -4.22
N LYS A 150 24.11 -11.70 -4.13
CA LYS A 150 23.68 -12.22 -2.83
C LYS A 150 24.87 -12.56 -1.91
N LYS A 151 25.85 -13.24 -2.46
CA LYS A 151 27.07 -13.55 -1.73
C LYS A 151 27.78 -12.28 -1.27
N LEU A 152 27.85 -11.29 -2.15
CA LEU A 152 28.50 -10.03 -1.85
C LEU A 152 27.80 -9.27 -0.73
N LEU A 153 26.48 -9.22 -0.79
CA LEU A 153 25.69 -8.57 0.24
C LEU A 153 25.74 -9.28 1.60
N ASN A 154 25.98 -10.58 1.59
CA ASN A 154 26.17 -11.34 2.83
C ASN A 154 27.50 -10.97 3.52
N ILE A 155 28.52 -10.68 2.73
CA ILE A 155 29.82 -10.27 3.26
C ILE A 155 29.79 -8.83 3.73
N HIS A 156 29.21 -7.95 2.91
CA HIS A 156 29.16 -6.53 3.23
C HIS A 156 27.83 -6.16 3.86
N LYS A 157 27.80 -6.25 5.18
CA LYS A 157 26.56 -6.25 5.96
C LYS A 157 25.73 -4.99 5.80
N ASN A 158 26.40 -3.85 5.72
CA ASN A 158 25.72 -2.57 5.68
C ASN A 158 25.34 -2.14 4.25
N ALA A 159 25.84 -2.86 3.26
CA ALA A 159 25.48 -2.57 1.87
C ALA A 159 24.05 -2.99 1.63
N LYS A 160 23.34 -2.18 0.84
CA LYS A 160 21.93 -2.44 0.53
C LYS A 160 21.63 -2.11 -0.93
N ILE A 161 20.97 -3.04 -1.60
CA ILE A 161 20.40 -2.76 -2.92
C ILE A 161 18.96 -2.30 -2.72
N ILE A 162 18.63 -1.15 -3.30
CA ILE A 162 17.25 -0.67 -3.33
C ILE A 162 16.80 -0.69 -4.79
N PRO A 163 15.68 -1.36 -5.07
CA PRO A 163 15.27 -1.47 -6.47
C PRO A 163 14.70 -0.18 -7.07
N VAL A 164 15.01 0.06 -8.33
CA VAL A 164 14.52 1.22 -9.06
C VAL A 164 13.56 0.81 -10.20
N ASP A 165 13.71 -0.40 -10.74
CA ASP A 165 12.75 -0.95 -11.71
C ASP A 165 11.36 -0.72 -11.11
N SER A 166 10.43 -0.18 -11.89
CA SER A 166 9.19 0.36 -11.31
C SER A 166 8.34 -0.64 -10.52
N GLU A 167 8.22 -1.87 -10.99
CA GLU A 167 7.38 -2.87 -10.32
C GLU A 167 8.03 -3.25 -8.99
N HIS A 168 9.36 -3.28 -8.97
CA HIS A 168 10.06 -3.71 -7.77
C HIS A 168 10.10 -2.59 -6.74
N SER A 169 10.26 -1.35 -7.19
CA SER A 169 10.07 -0.18 -6.31
C SER A 169 8.68 -0.19 -5.71
N ALA A 170 7.68 -0.45 -6.55
CA ALA A 170 6.29 -0.49 -6.08
C ALA A 170 6.12 -1.50 -4.95
N ILE A 171 6.63 -2.72 -5.17
CA ILE A 171 6.60 -3.80 -4.19
C ILE A 171 7.31 -3.34 -2.92
N PHE A 172 8.48 -2.74 -3.09
CA PHE A 172 9.26 -2.23 -1.95
C PHE A 172 8.46 -1.16 -1.19
N GLN A 173 7.76 -0.31 -1.93
CA GLN A 173 6.96 0.76 -1.31
C GLN A 173 5.73 0.25 -0.58
N CYS A 174 5.30 -0.97 -0.90
CA CYS A 174 4.16 -1.61 -0.23
C CYS A 174 4.54 -2.29 1.06
N LEU A 175 5.82 -2.25 1.41
CA LEU A 175 6.27 -2.94 2.59
C LEU A 175 6.37 -2.02 3.82
N ASP A 176 6.26 -2.64 4.97
CA ASP A 176 6.39 -1.97 6.26
C ASP A 176 7.87 -1.82 6.59
N ASN A 177 8.37 -0.58 6.64
CA ASN A 177 9.80 -0.38 6.86
C ASN A 177 10.26 -0.75 8.25
N ASN A 178 9.33 -0.84 9.18
CA ASN A 178 9.63 -1.39 10.49
C ASN A 178 10.12 -2.83 10.37
N LYS A 179 9.64 -3.58 9.36
CA LYS A 179 10.11 -4.94 9.05
C LYS A 179 11.31 -4.91 8.09
N VAL A 180 11.21 -4.11 7.04
CA VAL A 180 12.28 -4.04 6.03
C VAL A 180 13.65 -3.80 6.70
N LEU A 181 13.67 -2.89 7.68
CA LEU A 181 14.91 -2.53 8.39
C LEU A 181 15.54 -3.66 9.21
N LYS A 182 14.78 -4.74 9.46
CA LYS A 182 15.32 -5.95 10.07
C LYS A 182 15.96 -6.93 9.09
N THR A 183 15.93 -6.60 7.80
CA THR A 183 16.50 -7.46 6.77
C THR A 183 17.00 -6.53 5.63
N LYS A 184 17.13 -7.06 4.42
CA LYS A 184 17.46 -6.24 3.27
C LYS A 184 17.19 -7.03 1.99
N CYS A 185 17.10 -6.33 0.87
CA CYS A 185 16.87 -6.98 -0.42
C CYS A 185 18.00 -7.95 -0.77
N LEU A 186 17.64 -9.01 -1.50
CA LEU A 186 18.60 -9.98 -1.99
C LEU A 186 19.25 -10.75 -0.85
N GLN A 187 18.48 -11.00 0.20
CA GLN A 187 18.93 -11.73 1.38
C GLN A 187 17.90 -12.77 1.71
N ASP A 188 18.34 -13.99 2.03
CA ASP A 188 17.40 -15.05 2.44
C ASP A 188 16.56 -14.56 3.61
N ASN A 189 15.29 -14.93 3.58
CA ASN A 189 14.31 -14.63 4.64
C ASN A 189 13.61 -13.26 4.54
N PHE A 190 13.88 -12.49 3.49
CA PHE A 190 13.26 -11.17 3.34
C PHE A 190 11.72 -11.33 3.32
N SER A 191 11.24 -12.34 2.61
CA SER A 191 9.81 -12.61 2.54
C SER A 191 9.20 -12.96 3.89
N LYS A 192 9.89 -13.81 4.66
CA LYS A 192 9.39 -14.25 5.94
C LYS A 192 9.33 -13.07 6.88
N ILE A 193 10.39 -12.31 6.92
CA ILE A 193 10.43 -11.18 7.83
C ILE A 193 9.38 -10.13 7.48
N ASN A 194 9.10 -9.96 6.19
CA ASN A 194 8.08 -8.99 5.79
C ASN A 194 6.66 -9.55 5.64
N ASN A 195 6.47 -10.82 6.02
CA ASN A 195 5.15 -11.47 5.93
C ASN A 195 4.56 -11.43 4.52
N ILE A 196 5.40 -11.59 3.51
CA ILE A 196 4.97 -11.61 2.12
C ILE A 196 4.54 -13.00 1.74
N ASN A 197 3.35 -13.11 1.16
CA ASN A 197 2.82 -14.39 0.70
C ASN A 197 2.92 -14.54 -0.80
N LYS A 198 2.63 -13.45 -1.51
CA LYS A 198 2.45 -13.50 -2.96
C LYS A 198 2.63 -12.10 -3.56
N ILE A 199 3.09 -12.08 -4.81
CA ILE A 199 3.29 -10.83 -5.57
C ILE A 199 2.41 -10.82 -6.81
N PHE A 200 1.67 -9.74 -7.00
CA PHE A 200 1.08 -9.43 -8.29
C PHE A 200 2.05 -8.51 -9.02
N LEU A 201 2.70 -9.05 -10.04
CA LEU A 201 3.64 -8.28 -10.86
C LEU A 201 2.90 -7.75 -12.08
N CYS A 202 2.61 -6.46 -12.07
CA CYS A 202 1.86 -5.84 -13.13
C CYS A 202 2.70 -5.55 -14.37
N SER A 203 2.03 -5.59 -15.51
CA SER A 203 2.67 -5.37 -16.81
C SER A 203 1.75 -4.56 -17.68
N SER A 204 2.31 -3.69 -18.53
CA SER A 204 1.49 -2.96 -19.50
C SER A 204 0.89 -3.94 -20.51
N GLY A 205 1.58 -5.07 -20.70
CA GLY A 205 1.20 -6.07 -21.70
C GLY A 205 1.73 -5.82 -23.12
N GLY A 206 2.31 -4.65 -23.33
CA GLY A 206 2.86 -4.26 -24.62
C GLY A 206 1.77 -4.07 -25.68
N PRO A 207 2.15 -4.02 -26.96
CA PRO A 207 1.16 -3.70 -28.00
C PRO A 207 0.41 -4.91 -28.59
N PHE A 208 0.75 -6.12 -28.19
CA PHE A 208 0.25 -7.33 -28.87
C PHE A 208 -0.80 -8.17 -28.11
N GLN A 209 -1.36 -7.62 -27.04
CA GLN A 209 -2.28 -8.41 -26.21
C GLN A 209 -3.52 -8.99 -26.92
N ASN A 210 -4.02 -8.29 -27.91
CA ASN A 210 -5.24 -8.76 -28.54
C ASN A 210 -4.98 -9.54 -29.83
N LEU A 211 -3.71 -9.71 -30.19
CA LEU A 211 -3.33 -10.39 -31.43
C LEU A 211 -3.49 -11.91 -31.37
N THR A 212 -3.94 -12.49 -32.49
CA THR A 212 -4.02 -13.95 -32.62
C THR A 212 -2.62 -14.48 -32.92
N MET A 213 -2.45 -15.79 -32.77
CA MET A 213 -1.16 -16.42 -33.02
C MET A 213 -0.68 -16.17 -34.45
N ASP A 214 -1.62 -16.18 -35.40
CA ASP A 214 -1.25 -15.95 -36.80
C ASP A 214 -0.83 -14.52 -37.03
N GLU A 215 -1.44 -13.55 -36.35
CA GLU A 215 -0.97 -12.17 -36.48
C GLU A 215 0.36 -12.00 -35.79
N LEU A 216 0.51 -12.58 -34.61
CA LEU A 216 1.80 -12.49 -33.91
C LEU A 216 2.94 -13.03 -34.75
N LYS A 217 2.69 -14.09 -35.52
CA LYS A 217 3.74 -14.65 -36.35
C LYS A 217 4.43 -13.63 -37.24
N ASN A 218 3.71 -12.58 -37.62
CA ASN A 218 4.25 -11.63 -38.59
C ASN A 218 4.49 -10.24 -38.05
N VAL A 219 4.36 -10.03 -36.75
CA VAL A 219 4.70 -8.70 -36.24
C VAL A 219 6.16 -8.44 -36.46
N THR A 220 6.44 -7.14 -36.60
CA THR A 220 7.77 -6.61 -36.88
C THR A 220 8.19 -5.74 -35.73
N SER A 221 9.46 -5.34 -35.73
CA SER A 221 9.95 -4.45 -34.68
C SER A 221 9.26 -3.09 -34.79
N GLU A 222 8.94 -2.64 -35.99
CA GLU A 222 8.19 -1.39 -36.13
C GLU A 222 6.84 -1.46 -35.42
N ASN A 223 6.14 -2.59 -35.54
CA ASN A 223 4.92 -2.80 -34.77
C ASN A 223 5.18 -2.79 -33.25
N ALA A 224 6.32 -3.33 -32.85
CA ALA A 224 6.63 -3.53 -31.42
C ALA A 224 6.95 -2.23 -30.71
N LEU A 225 7.54 -1.28 -31.43
CA LEU A 225 7.96 0.00 -30.87
C LEU A 225 6.84 1.04 -30.88
N LYS A 226 5.66 0.64 -31.37
CA LYS A 226 4.51 1.52 -31.39
C LYS A 226 3.79 1.62 -30.06
N HIS A 227 3.40 2.86 -29.75
CA HIS A 227 2.52 3.17 -28.62
C HIS A 227 3.04 2.48 -27.37
N PRO A 228 4.31 2.72 -27.03
CA PRO A 228 4.69 2.16 -25.76
C PRO A 228 4.04 2.96 -24.63
N LYS A 229 3.59 2.31 -23.57
CA LYS A 229 2.98 3.05 -22.44
C LYS A 229 3.99 3.82 -21.60
N TRP A 230 5.28 3.49 -21.71
CA TRP A 230 6.32 4.24 -21.01
C TRP A 230 7.35 4.72 -22.05
N LYS A 231 8.11 5.77 -21.70
CA LYS A 231 9.18 6.28 -22.57
C LYS A 231 10.46 5.56 -22.22
N MET A 232 10.95 4.73 -23.13
CA MET A 232 12.06 3.84 -22.82
C MET A 232 12.86 3.53 -24.08
N GLY A 233 14.02 2.94 -23.85
CA GLY A 233 14.90 2.52 -24.92
C GLY A 233 14.34 1.41 -25.77
N LYS A 234 14.99 1.16 -26.90
CA LYS A 234 14.52 0.18 -27.86
C LYS A 234 14.56 -1.25 -27.31
N LYS A 235 15.62 -1.58 -26.59
CA LYS A 235 15.83 -2.95 -26.11
C LYS A 235 14.70 -3.36 -25.17
N ILE A 236 14.45 -2.54 -24.14
CA ILE A 236 13.38 -2.83 -23.18
C ILE A 236 11.99 -2.80 -23.84
N THR A 237 11.83 -1.99 -24.87
CA THR A 237 10.54 -1.92 -25.58
C THR A 237 10.22 -3.20 -26.37
N ILE A 238 11.22 -3.78 -27.03
CA ILE A 238 11.05 -5.09 -27.63
C ILE A 238 10.74 -6.16 -26.57
N ASP A 239 11.42 -6.09 -25.41
CA ASP A 239 11.19 -7.03 -24.31
C ASP A 239 9.76 -6.89 -23.77
N SER A 240 9.26 -5.65 -23.78
CA SER A 240 7.89 -5.40 -23.34
C SER A 240 6.90 -6.05 -24.31
N ALA A 241 7.21 -5.99 -25.60
CA ALA A 241 6.34 -6.56 -26.63
C ALA A 241 6.28 -8.11 -26.62
N THR A 242 7.39 -8.75 -26.24
CA THR A 242 7.48 -10.21 -26.17
C THR A 242 7.08 -10.70 -24.78
N MET A 243 6.97 -9.73 -23.88
CA MET A 243 6.83 -9.92 -22.44
C MET A 243 8.01 -10.64 -21.82
N MET A 244 9.14 -10.71 -22.53
CA MET A 244 10.36 -11.16 -21.87
C MET A 244 10.76 -10.15 -20.79
N ASN A 245 10.41 -8.88 -20.95
CA ASN A 245 10.74 -7.94 -19.88
C ASN A 245 10.14 -8.41 -18.55
N LYS A 246 8.87 -8.79 -18.58
CA LYS A 246 8.21 -9.30 -17.38
C LYS A 246 8.79 -10.63 -16.90
N GLY A 247 9.18 -11.47 -17.86
CA GLY A 247 9.85 -12.72 -17.53
C GLY A 247 11.10 -12.46 -16.70
N LEU A 248 11.92 -11.51 -17.16
CA LEU A 248 13.15 -11.14 -16.46
C LEU A 248 12.81 -10.56 -15.09
N GLU A 249 11.75 -9.76 -15.06
CA GLU A 249 11.27 -9.14 -13.83
C GLU A 249 10.71 -10.11 -12.79
N VAL A 250 10.18 -11.24 -13.25
CA VAL A 250 9.81 -12.34 -12.38
C VAL A 250 11.06 -12.86 -11.62
N ILE A 251 12.15 -13.10 -12.34
CA ILE A 251 13.39 -13.56 -11.70
C ILE A 251 13.96 -12.47 -10.76
N GLU A 252 13.87 -11.21 -11.18
CA GLU A 252 14.34 -10.12 -10.35
C GLU A 252 13.58 -10.12 -9.02
N THR A 253 12.28 -10.39 -9.11
CA THR A 253 11.41 -10.43 -7.94
C THR A 253 11.83 -11.54 -6.98
N HIS A 254 12.07 -12.71 -7.57
CA HIS A 254 12.50 -13.87 -6.79
C HIS A 254 13.75 -13.53 -6.01
N PHE A 255 14.71 -12.87 -6.65
CA PHE A 255 15.99 -12.63 -6.00
C PHE A 255 15.98 -11.46 -5.00
N LEU A 256 15.30 -10.38 -5.36
CA LEU A 256 15.23 -9.22 -4.50
C LEU A 256 14.44 -9.51 -3.21
N PHE A 257 13.34 -10.25 -3.34
CA PHE A 257 12.39 -10.35 -2.24
C PHE A 257 12.21 -11.77 -1.68
N ASP A 258 12.92 -12.72 -2.26
CA ASP A 258 12.91 -14.10 -1.79
C ASP A 258 11.50 -14.64 -1.85
N VAL A 259 10.82 -14.36 -2.96
CA VAL A 259 9.49 -14.90 -3.25
C VAL A 259 9.60 -16.09 -4.19
N ASP A 260 8.97 -17.21 -3.80
CA ASP A 260 8.97 -18.42 -4.62
C ASP A 260 8.31 -18.10 -5.95
N TYR A 261 8.79 -18.71 -7.02
CA TYR A 261 8.30 -18.49 -8.36
C TYR A 261 6.78 -18.69 -8.48
N ASN A 262 6.33 -19.73 -7.79
CA ASN A 262 4.93 -20.08 -7.71
C ASN A 262 4.05 -18.96 -7.20
N ASP A 263 4.65 -18.11 -6.37
CA ASP A 263 3.94 -17.02 -5.72
C ASP A 263 4.11 -15.67 -6.41
N ILE A 264 4.60 -15.69 -7.64
CA ILE A 264 4.71 -14.49 -8.43
C ILE A 264 3.76 -14.60 -9.62
N GLU A 265 2.72 -13.76 -9.61
CA GLU A 265 1.72 -13.78 -10.67
C GLU A 265 1.80 -12.56 -11.58
N VAL A 266 2.04 -12.82 -12.86
CA VAL A 266 2.09 -11.76 -13.85
C VAL A 266 0.66 -11.39 -14.22
N ILE A 267 0.38 -10.10 -14.24
CA ILE A 267 -0.97 -9.64 -14.50
C ILE A 267 -0.89 -8.43 -15.42
N VAL A 268 -1.65 -8.50 -16.51
CA VAL A 268 -1.65 -7.43 -17.49
C VAL A 268 -2.60 -6.32 -17.10
N HIS A 269 -2.01 -5.15 -16.89
CA HIS A 269 -2.75 -4.01 -16.42
C HIS A 269 -2.43 -2.86 -17.37
N LYS A 270 -3.26 -2.72 -18.37
CA LYS A 270 -2.88 -1.88 -19.50
C LYS A 270 -2.86 -0.39 -19.22
N GLU A 271 -3.51 0.05 -18.16
CA GLU A 271 -3.53 1.48 -17.84
C GLU A 271 -2.25 1.96 -17.14
N CYS A 272 -1.46 1.03 -16.60
CA CYS A 272 -0.15 1.34 -16.02
C CYS A 272 -0.23 2.36 -14.87
N ILE A 273 -1.26 2.18 -14.03
CA ILE A 273 -1.45 3.02 -12.86
C ILE A 273 -1.04 2.26 -11.60
N ILE A 274 -1.56 1.05 -11.42
CA ILE A 274 -1.08 0.15 -10.39
C ILE A 274 0.22 -0.50 -10.87
N HIS A 275 1.28 -0.34 -10.10
CA HIS A 275 2.60 -0.72 -10.60
C HIS A 275 3.06 -2.07 -10.12
N SER A 276 2.47 -2.51 -9.01
CA SER A 276 2.45 -3.91 -8.60
C SER A 276 1.80 -3.94 -7.22
N CYS A 277 1.53 -5.13 -6.72
CA CYS A 277 0.84 -5.34 -5.46
C CYS A 277 1.49 -6.47 -4.68
N VAL A 278 1.42 -6.38 -3.35
CA VAL A 278 1.96 -7.39 -2.48
C VAL A 278 0.80 -7.99 -1.67
N GLU A 279 0.68 -9.31 -1.70
CA GLU A 279 -0.28 -10.01 -0.85
C GLU A 279 0.44 -10.49 0.40
N PHE A 280 -0.04 -10.10 1.58
CA PHE A 280 0.61 -10.53 2.83
C PHE A 280 -0.03 -11.82 3.34
N ILE A 281 0.51 -12.44 4.38
CA ILE A 281 0.07 -13.79 4.76
C ILE A 281 -1.36 -13.84 5.31
N ASP A 282 -1.91 -12.70 5.70
CA ASP A 282 -3.31 -12.66 6.12
C ASP A 282 -4.25 -12.52 4.93
N LYS A 283 -3.66 -12.40 3.74
CA LYS A 283 -4.35 -12.18 2.47
C LYS A 283 -4.69 -10.74 2.18
N SER A 284 -4.38 -9.82 3.08
CA SER A 284 -4.53 -8.42 2.71
C SER A 284 -3.50 -8.07 1.62
N VAL A 285 -3.90 -7.20 0.70
CA VAL A 285 -3.06 -6.82 -0.42
C VAL A 285 -2.82 -5.32 -0.39
N ILE A 286 -1.59 -4.91 -0.65
CA ILE A 286 -1.24 -3.48 -0.68
C ILE A 286 -0.64 -3.21 -2.05
N SER A 287 -0.96 -2.07 -2.63
CA SER A 287 -0.40 -1.71 -3.92
C SER A 287 0.06 -0.28 -4.00
N GLN A 288 0.93 -0.03 -4.97
CA GLN A 288 1.41 1.31 -5.21
C GLN A 288 0.94 1.73 -6.60
N MET A 289 0.49 2.99 -6.68
CA MET A 289 -0.15 3.56 -7.85
C MET A 289 0.43 4.93 -8.17
N TYR A 290 0.62 5.19 -9.45
CA TYR A 290 0.89 6.53 -9.92
C TYR A 290 0.82 6.50 -11.45
N TYR A 291 0.88 7.67 -12.08
CA TYR A 291 1.00 7.73 -13.54
C TYR A 291 2.30 6.99 -13.90
N PRO A 292 2.39 6.47 -15.13
CA PRO A 292 3.65 5.83 -15.50
C PRO A 292 4.77 6.87 -15.69
N ASP A 293 5.58 7.04 -14.67
CA ASP A 293 6.60 8.08 -14.65
C ASP A 293 7.73 7.51 -13.81
N MET A 294 8.92 7.36 -14.40
CA MET A 294 10.04 6.78 -13.66
C MET A 294 10.55 7.64 -12.49
N GLN A 295 10.10 8.89 -12.37
CA GLN A 295 10.64 9.76 -11.33
C GLN A 295 10.29 9.28 -9.92
N ILE A 296 9.11 8.71 -9.75
CA ILE A 296 8.75 8.19 -8.41
C ILE A 296 9.66 7.04 -7.94
N PRO A 297 9.84 6.00 -8.76
CA PRO A 297 10.71 4.93 -8.25
C PRO A 297 12.14 5.36 -8.03
N ILE A 298 12.64 6.21 -8.92
CA ILE A 298 13.97 6.75 -8.73
C ILE A 298 14.01 7.55 -7.45
N LEU A 299 13.03 8.43 -7.26
CA LEU A 299 13.00 9.26 -6.07
C LEU A 299 12.95 8.43 -4.79
N TYR A 300 12.08 7.44 -4.74
CA TYR A 300 11.99 6.60 -3.55
C TYR A 300 13.32 5.92 -3.26
N SER A 301 14.04 5.49 -4.28
CA SER A 301 15.29 4.80 -3.99
C SER A 301 16.27 5.76 -3.32
N LEU A 302 16.13 7.06 -3.57
CA LEU A 302 16.98 8.06 -2.95
C LEU A 302 16.52 8.56 -1.58
N THR A 303 15.23 8.44 -1.27
CA THR A 303 14.72 8.93 0.02
C THR A 303 14.47 7.84 1.03
N TRP A 304 14.29 6.59 0.58
CA TRP A 304 14.01 5.48 1.50
C TRP A 304 14.98 5.52 2.65
N PRO A 305 14.48 5.35 3.90
CA PRO A 305 13.10 4.97 4.22
C PRO A 305 12.15 6.15 4.41
N ASP A 306 12.55 7.36 4.00
CA ASP A 306 11.68 8.54 4.10
C ASP A 306 11.02 8.84 2.75
N ARG A 307 10.14 9.83 2.77
CA ARG A 307 9.60 10.42 1.55
C ARG A 307 9.77 11.94 1.62
N ILE A 308 9.90 12.60 0.49
CA ILE A 308 9.99 14.05 0.49
C ILE A 308 8.99 14.67 -0.47
N LYS A 309 8.78 15.98 -0.32
CA LYS A 309 7.78 16.67 -1.12
C LYS A 309 8.25 16.89 -2.58
N THR A 310 7.33 16.63 -3.50
CA THR A 310 7.53 16.92 -4.91
C THR A 310 6.38 17.77 -5.43
N ASN A 311 6.57 18.29 -6.63
CA ASN A 311 5.52 19.03 -7.32
C ASN A 311 5.02 18.26 -8.53
N LEU A 312 5.10 16.94 -8.48
CA LEU A 312 4.53 16.09 -9.52
C LEU A 312 3.02 16.20 -9.53
N LYS A 313 2.44 16.02 -10.70
CA LYS A 313 0.99 16.04 -10.86
C LYS A 313 0.36 14.95 -10.00
N PRO A 314 -0.63 15.33 -9.17
CA PRO A 314 -1.31 14.30 -8.37
C PRO A 314 -2.13 13.35 -9.21
N LEU A 315 -2.19 12.09 -8.78
CA LEU A 315 -3.03 11.10 -9.42
C LEU A 315 -4.49 11.51 -9.29
N ASP A 316 -5.20 11.56 -10.42
CA ASP A 316 -6.62 11.89 -10.41
C ASP A 316 -7.36 10.60 -10.74
N LEU A 317 -7.71 9.85 -9.69
CA LEU A 317 -8.35 8.55 -9.86
C LEU A 317 -9.67 8.63 -10.61
N ALA A 318 -10.44 9.68 -10.36
CA ALA A 318 -11.74 9.81 -10.99
C ALA A 318 -11.57 9.97 -12.49
N GLN A 319 -10.60 10.78 -12.88
CA GLN A 319 -10.28 10.95 -14.30
C GLN A 319 -9.76 9.66 -14.91
N VAL A 320 -8.84 8.99 -14.24
CA VAL A 320 -8.37 7.69 -14.72
C VAL A 320 -9.58 6.77 -14.95
N SER A 321 -10.47 6.76 -13.95
CA SER A 321 -11.81 6.21 -14.09
C SER A 321 -11.90 4.69 -14.06
N THR A 322 -11.04 4.01 -14.82
CA THR A 322 -11.13 2.56 -14.98
C THR A 322 -9.75 1.93 -14.94
N LEU A 323 -9.63 0.82 -14.21
CA LEU A 323 -8.41 0.04 -14.18
C LEU A 323 -8.77 -1.40 -14.52
N THR A 324 -7.97 -2.04 -15.37
CA THR A 324 -8.28 -3.40 -15.83
C THR A 324 -7.14 -4.37 -15.57
N PHE A 325 -7.50 -5.64 -15.38
CA PHE A 325 -6.55 -6.71 -15.05
C PHE A 325 -6.93 -8.01 -15.73
N HIS A 326 -5.98 -8.60 -16.42
CA HIS A 326 -6.19 -9.94 -16.99
C HIS A 326 -4.89 -10.71 -17.04
N LYS A 327 -5.02 -12.02 -17.11
CA LYS A 327 -3.89 -12.93 -17.23
C LYS A 327 -3.32 -12.85 -18.61
N PRO A 328 -1.99 -12.94 -18.72
CA PRO A 328 -1.38 -13.03 -20.03
C PRO A 328 -1.50 -14.47 -20.55
N SER A 329 -1.64 -14.63 -21.85
CA SER A 329 -1.59 -15.96 -22.49
C SER A 329 -0.16 -16.42 -22.71
N LEU A 330 0.19 -17.55 -22.10
CA LEU A 330 1.53 -18.11 -22.25
C LEU A 330 1.79 -18.62 -23.65
N GLU A 331 0.74 -18.98 -24.38
CA GLU A 331 0.90 -19.43 -25.76
C GLU A 331 1.33 -18.26 -26.67
N HIS A 332 0.79 -17.08 -26.41
CA HIS A 332 1.07 -15.89 -27.20
C HIS A 332 2.33 -15.18 -26.74
N PHE A 333 2.67 -15.35 -25.47
CA PHE A 333 3.85 -14.75 -24.89
C PHE A 333 4.77 -15.81 -24.27
N PRO A 334 5.28 -16.72 -25.11
CA PRO A 334 6.06 -17.83 -24.57
C PRO A 334 7.35 -17.43 -23.82
N CYS A 335 7.89 -16.23 -24.07
CA CYS A 335 9.03 -15.76 -23.29
C CYS A 335 8.76 -15.80 -21.77
N ILE A 336 7.54 -15.48 -21.38
CA ILE A 336 7.17 -15.56 -19.96
C ILE A 336 7.33 -16.97 -19.40
N LYS A 337 6.85 -17.96 -20.14
CA LYS A 337 7.02 -19.33 -19.72
C LYS A 337 8.49 -19.73 -19.61
N LEU A 338 9.30 -19.31 -20.60
CA LEU A 338 10.73 -19.62 -20.58
C LEU A 338 11.40 -19.04 -19.36
N ALA A 339 11.01 -17.82 -19.01
CA ALA A 339 11.58 -17.16 -17.84
C ALA A 339 11.28 -17.94 -16.59
N TYR A 340 10.03 -18.37 -16.41
CA TYR A 340 9.70 -19.14 -15.21
C TYR A 340 10.49 -20.42 -15.21
N GLN A 341 10.58 -21.07 -16.36
CA GLN A 341 11.26 -22.34 -16.45
C GLN A 341 12.74 -22.21 -16.10
N ALA A 342 13.39 -21.18 -16.65
CA ALA A 342 14.78 -20.93 -16.35
C ALA A 342 14.98 -20.61 -14.87
N GLY A 343 14.14 -19.73 -14.34
CA GLY A 343 14.23 -19.35 -12.95
C GLY A 343 14.05 -20.54 -12.02
N ILE A 344 13.03 -21.36 -12.28
CA ILE A 344 12.76 -22.51 -11.43
C ILE A 344 13.89 -23.53 -11.46
N LYS A 345 14.42 -23.79 -12.66
CA LYS A 345 15.57 -24.69 -12.78
C LYS A 345 16.72 -24.17 -11.96
N GLY A 346 16.88 -22.85 -11.92
CA GLY A 346 17.92 -22.24 -11.16
C GLY A 346 19.29 -22.44 -11.78
N ASN A 347 20.29 -22.66 -10.93
CA ASN A 347 21.67 -22.83 -11.39
C ASN A 347 21.97 -21.61 -12.26
N PHE A 348 22.64 -21.76 -13.40
CA PHE A 348 22.90 -20.59 -14.23
C PHE A 348 21.91 -20.39 -15.41
N TYR A 349 20.75 -21.02 -15.35
CA TYR A 349 19.77 -20.88 -16.43
C TYR A 349 19.29 -19.44 -16.61
N PRO A 350 19.11 -18.69 -15.51
CA PRO A 350 18.79 -17.27 -15.70
C PRO A 350 19.84 -16.49 -16.49
N THR A 351 21.12 -16.75 -16.21
CA THR A 351 22.21 -16.14 -16.98
C THR A 351 22.05 -16.44 -18.48
N VAL A 352 21.71 -17.70 -18.77
CA VAL A 352 21.59 -18.18 -20.14
C VAL A 352 20.38 -17.52 -20.82
N LEU A 353 19.31 -17.39 -20.03
CA LEU A 353 18.06 -16.82 -20.52
C LEU A 353 18.31 -15.37 -20.92
N ASN A 354 18.98 -14.65 -20.04
CA ASN A 354 19.24 -13.24 -20.25
C ASN A 354 20.16 -12.99 -21.44
N ALA A 355 21.22 -13.79 -21.53
CA ALA A 355 22.21 -13.61 -22.58
C ALA A 355 21.66 -13.96 -23.96
N SER A 356 20.97 -15.09 -24.05
CA SER A 356 20.37 -15.50 -25.32
C SER A 356 19.29 -14.51 -25.74
N ASN A 357 18.55 -13.97 -24.78
CA ASN A 357 17.55 -12.93 -25.11
C ASN A 357 18.23 -11.67 -25.66
N GLU A 358 19.39 -11.31 -25.13
CA GLU A 358 20.10 -10.12 -25.62
C GLU A 358 20.24 -10.22 -27.14
N ILE A 359 20.66 -11.38 -27.59
CA ILE A 359 20.93 -11.61 -28.99
C ILE A 359 19.62 -11.67 -29.77
N ALA A 360 18.69 -12.47 -29.28
CA ALA A 360 17.43 -12.68 -29.97
C ALA A 360 16.62 -11.39 -30.09
N ASN A 361 16.57 -10.63 -29.00
CA ASN A 361 15.98 -9.30 -28.99
C ASN A 361 16.54 -8.41 -30.11
N ASN A 362 17.87 -8.35 -30.20
CA ASN A 362 18.52 -7.46 -31.17
C ASN A 362 18.26 -7.86 -32.62
N LEU A 363 18.23 -9.17 -32.86
CA LEU A 363 17.94 -9.69 -34.17
C LEU A 363 16.54 -9.30 -34.62
N PHE A 364 15.58 -9.42 -33.71
CA PHE A 364 14.23 -9.03 -34.01
C PHE A 364 14.12 -7.51 -34.20
N LEU A 365 14.75 -6.74 -33.32
CA LEU A 365 14.80 -5.28 -33.44
C LEU A 365 15.22 -4.90 -34.86
N ASN A 366 16.19 -5.65 -35.38
CA ASN A 366 16.78 -5.33 -36.67
C ASN A 366 16.22 -6.15 -37.83
N ASN A 367 15.08 -6.75 -37.62
CA ASN A 367 14.32 -7.39 -38.70
C ASN A 367 14.95 -8.66 -39.25
N LYS A 368 15.77 -9.32 -38.44
CA LYS A 368 16.52 -10.48 -38.90
C LYS A 368 15.78 -11.79 -38.57
N ILE A 369 14.91 -11.74 -37.56
CA ILE A 369 14.13 -12.91 -37.19
C ILE A 369 12.70 -12.47 -36.91
N LYS A 370 11.85 -13.45 -36.70
CA LYS A 370 10.47 -13.17 -36.43
C LYS A 370 10.12 -13.39 -34.96
N TYR A 371 8.93 -12.94 -34.58
CA TYR A 371 8.49 -12.95 -33.19
C TYR A 371 8.68 -14.29 -32.45
N PHE A 372 8.21 -15.39 -33.03
CA PHE A 372 8.36 -16.69 -32.37
C PHE A 372 9.75 -17.27 -32.51
N ASP A 373 10.55 -16.70 -33.40
CA ASP A 373 11.97 -17.06 -33.49
C ASP A 373 12.69 -16.66 -32.20
N ILE A 374 12.25 -15.57 -31.59
CA ILE A 374 12.87 -15.08 -30.35
C ILE A 374 12.81 -16.16 -29.27
N SER A 375 11.60 -16.61 -28.96
CA SER A 375 11.44 -17.65 -27.96
C SER A 375 12.01 -18.99 -28.41
N SER A 376 12.01 -19.23 -29.71
CA SER A 376 12.59 -20.46 -30.21
C SER A 376 14.09 -20.50 -29.96
N ILE A 377 14.78 -19.42 -30.28
CA ILE A 377 16.23 -19.37 -30.10
C ILE A 377 16.54 -19.55 -28.62
N ILE A 378 15.87 -18.76 -27.78
CA ILE A 378 16.12 -18.80 -26.35
C ILE A 378 15.89 -20.21 -25.80
N SER A 379 14.78 -20.81 -26.21
CA SER A 379 14.46 -22.17 -25.79
C SER A 379 15.57 -23.13 -26.15
N GLN A 380 16.13 -22.97 -27.35
CA GLN A 380 17.16 -23.88 -27.84
C GLN A 380 18.45 -23.73 -27.05
N VAL A 381 18.85 -22.48 -26.77
CA VAL A 381 20.06 -22.24 -25.99
C VAL A 381 19.88 -22.82 -24.59
N LEU A 382 18.73 -22.57 -23.97
CA LEU A 382 18.44 -23.15 -22.65
C LEU A 382 18.54 -24.66 -22.69
N GLU A 383 18.01 -25.26 -23.73
CA GLU A 383 18.11 -26.71 -23.88
C GLU A 383 19.52 -27.23 -24.03
N SER A 384 20.40 -26.42 -24.62
N SER A 384 20.41 -26.41 -24.61
CA SER A 384 21.79 -26.81 -24.85
CA SER A 384 21.80 -26.82 -24.86
C SER A 384 22.61 -26.74 -23.58
C SER A 384 22.71 -26.56 -23.67
N PHE A 385 22.18 -25.94 -22.62
CA PHE A 385 23.00 -25.69 -21.43
C PHE A 385 22.89 -26.82 -20.41
N ASN A 386 24.05 -27.27 -19.94
CA ASN A 386 24.12 -28.22 -18.84
C ASN A 386 24.56 -27.52 -17.56
N SER A 387 23.85 -27.81 -16.48
CA SER A 387 24.14 -27.22 -15.19
C SER A 387 25.61 -27.38 -14.84
N GLN A 388 26.18 -26.34 -14.24
CA GLN A 388 27.54 -26.39 -13.74
C GLN A 388 27.51 -26.23 -12.24
N LYS A 389 28.48 -26.83 -11.59
CA LYS A 389 28.64 -26.68 -10.18
C LYS A 389 28.88 -25.19 -9.89
N VAL A 390 28.18 -24.64 -8.90
CA VAL A 390 28.28 -23.21 -8.58
C VAL A 390 29.49 -22.97 -7.69
N SER A 391 30.42 -22.13 -8.14
CA SER A 391 31.62 -21.81 -7.35
C SER A 391 31.25 -21.23 -6.01
N GLU A 392 31.95 -21.66 -4.97
CA GLU A 392 31.80 -21.05 -3.66
C GLU A 392 32.62 -19.79 -3.61
N ASN A 393 33.72 -19.79 -4.33
CA ASN A 393 34.60 -18.64 -4.34
C ASN A 393 33.98 -17.50 -5.14
N SER A 394 33.86 -16.34 -4.50
CA SER A 394 33.24 -15.17 -5.12
C SER A 394 33.83 -14.77 -6.49
N GLU A 395 35.15 -14.81 -6.60
CA GLU A 395 35.79 -14.39 -7.83
C GLU A 395 35.60 -15.44 -8.92
N ASP A 396 35.66 -16.71 -8.52
CA ASP A 396 35.42 -17.84 -9.44
C ASP A 396 33.98 -17.77 -9.95
N LEU A 397 33.07 -17.44 -9.04
CA LEU A 397 31.64 -17.34 -9.35
C LEU A 397 31.37 -16.26 -10.40
N MET A 398 31.93 -15.07 -10.19
N MET A 398 31.93 -15.06 -10.19
CA MET A 398 31.84 -13.98 -11.16
CA MET A 398 31.82 -13.99 -11.18
C MET A 398 32.35 -14.40 -12.54
C MET A 398 32.35 -14.41 -12.55
N LYS A 399 33.49 -15.09 -12.57
CA LYS A 399 34.06 -15.58 -13.84
C LYS A 399 33.14 -16.62 -14.50
N GLN A 400 32.52 -17.49 -13.69
CA GLN A 400 31.58 -18.46 -14.20
C GLN A 400 30.42 -17.76 -14.92
N ILE A 401 29.87 -16.76 -14.26
CA ILE A 401 28.78 -16.01 -14.81
C ILE A 401 29.17 -15.36 -16.16
N LEU A 402 30.31 -14.68 -16.21
CA LEU A 402 30.74 -14.02 -17.46
C LEU A 402 30.94 -15.02 -18.59
N GLN A 403 31.55 -16.15 -18.25
CA GLN A 403 31.85 -17.20 -19.20
C GLN A 403 30.57 -17.79 -19.77
N ILE A 404 29.59 -18.06 -18.91
CA ILE A 404 28.33 -18.64 -19.36
C ILE A 404 27.52 -17.64 -20.19
N HIS A 405 27.53 -16.39 -19.75
CA HIS A 405 26.90 -15.31 -20.50
C HIS A 405 27.47 -15.21 -21.92
N SER A 406 28.79 -15.24 -22.00
CA SER A 406 29.46 -15.16 -23.29
C SER A 406 29.12 -16.37 -24.16
N TRP A 407 29.11 -17.56 -23.56
CA TRP A 407 28.78 -18.80 -24.27
C TRP A 407 27.36 -18.75 -24.84
N ALA A 408 26.42 -18.32 -24.01
CA ALA A 408 25.01 -18.23 -24.40
C ALA A 408 24.78 -17.27 -25.58
N LYS A 409 25.43 -16.12 -25.55
CA LYS A 409 25.34 -15.16 -26.66
C LYS A 409 25.84 -15.79 -27.97
N ASP A 410 27.00 -16.44 -27.91
CA ASP A 410 27.58 -17.13 -29.07
C ASP A 410 26.69 -18.29 -29.57
N LYS A 411 26.10 -19.03 -28.64
CA LYS A 411 25.21 -20.11 -28.98
C LYS A 411 23.94 -19.59 -29.67
N ALA A 412 23.34 -18.55 -29.10
CA ALA A 412 22.22 -17.90 -29.73
C ALA A 412 22.58 -17.44 -31.18
N THR A 413 23.75 -16.83 -31.34
CA THR A 413 24.21 -16.33 -32.65
C THR A 413 24.43 -17.49 -33.62
N ASP A 414 25.01 -18.55 -33.10
CA ASP A 414 25.24 -19.73 -33.91
C ASP A 414 23.96 -20.37 -34.40
N ILE A 415 22.93 -20.36 -33.56
CA ILE A 415 21.64 -20.89 -33.92
C ILE A 415 21.00 -20.03 -35.03
N TYR A 416 21.12 -18.71 -34.88
CA TYR A 416 20.63 -17.80 -35.89
C TYR A 416 21.38 -18.03 -37.21
N ASN A 417 22.71 -18.09 -37.13
CA ASN A 417 23.55 -18.20 -38.33
C ASN A 417 23.27 -19.49 -39.08
N LYS A 418 23.08 -20.57 -38.34
CA LYS A 418 22.85 -21.85 -38.96
C LYS A 418 21.41 -22.03 -39.44
N HIS A 419 20.55 -21.13 -39.04
CA HIS A 419 19.15 -21.15 -39.46
C HIS A 419 19.06 -20.49 -40.82
N ASN A 420 18.79 -21.29 -41.85
CA ASN A 420 19.04 -20.87 -43.24
C ASN A 420 20.07 -19.78 -43.34
N PRO B 11 0.43 -14.97 22.64
CA PRO B 11 -1.01 -15.17 22.82
C PRO B 11 -1.75 -13.87 23.18
N ILE B 12 -2.55 -13.38 22.24
CA ILE B 12 -3.19 -12.06 22.37
C ILE B 12 -4.54 -12.15 23.07
N ASN B 13 -4.67 -11.41 24.17
CA ASN B 13 -5.84 -11.45 25.05
C ASN B 13 -6.87 -10.38 24.71
N VAL B 14 -8.05 -10.82 24.30
CA VAL B 14 -9.03 -9.97 23.64
C VAL B 14 -10.37 -9.96 24.33
N ALA B 15 -10.91 -8.76 24.44
CA ALA B 15 -12.30 -8.55 24.81
C ALA B 15 -13.08 -8.01 23.62
N ILE B 16 -14.31 -8.47 23.48
CA ILE B 16 -15.21 -8.03 22.42
C ILE B 16 -16.43 -7.36 23.03
N PHE B 17 -16.57 -6.06 22.78
CA PHE B 17 -17.74 -5.33 23.19
C PHE B 17 -18.73 -5.23 22.03
N GLY B 18 -19.91 -5.80 22.24
CA GLY B 18 -20.94 -5.89 21.21
C GLY B 18 -20.68 -7.10 20.35
N SER B 19 -20.47 -8.22 21.03
CA SER B 19 -20.03 -9.48 20.41
C SER B 19 -21.04 -10.08 19.43
N THR B 20 -22.32 -9.75 19.58
CA THR B 20 -23.38 -10.33 18.72
C THR B 20 -23.75 -9.43 17.52
N GLY B 21 -23.17 -8.24 17.44
CA GLY B 21 -23.30 -7.38 16.26
C GLY B 21 -22.44 -7.86 15.10
N SER B 22 -22.52 -7.18 13.96
CA SER B 22 -21.81 -7.61 12.76
C SER B 22 -20.28 -7.57 12.94
N ILE B 23 -19.78 -6.54 13.64
CA ILE B 23 -18.35 -6.46 13.92
C ILE B 23 -17.91 -7.56 14.85
N GLY B 24 -18.66 -7.75 15.92
CA GLY B 24 -18.34 -8.78 16.91
C GLY B 24 -18.32 -10.19 16.36
N THR B 25 -19.31 -10.54 15.56
CA THR B 25 -19.41 -11.90 15.05
C THR B 25 -18.29 -12.13 14.05
N ASN B 26 -17.98 -11.11 13.26
CA ASN B 26 -16.87 -11.19 12.32
C ASN B 26 -15.53 -11.31 13.03
N ALA B 27 -15.41 -10.66 14.17
CA ALA B 27 -14.20 -10.76 14.98
C ALA B 27 -14.05 -12.18 15.51
N LEU B 28 -15.10 -12.72 16.13
CA LEU B 28 -15.04 -14.10 16.63
C LEU B 28 -14.73 -15.09 15.51
N ASN B 29 -15.29 -14.87 14.34
N ASN B 29 -15.27 -14.86 14.32
CA ASN B 29 -15.03 -15.78 13.23
CA ASN B 29 -15.04 -15.75 13.18
C ASN B 29 -13.56 -15.80 12.79
C ASN B 29 -13.58 -15.79 12.75
N ILE B 30 -12.97 -14.62 12.58
CA ILE B 30 -11.58 -14.56 12.14
C ILE B 30 -10.64 -15.05 13.25
N ILE B 31 -10.98 -14.76 14.49
CA ILE B 31 -10.27 -15.32 15.63
C ILE B 31 -10.32 -16.83 15.62
N ARG B 32 -11.52 -17.40 15.48
CA ARG B 32 -11.70 -18.85 15.47
C ARG B 32 -10.83 -19.46 14.37
N GLU B 33 -10.94 -18.91 13.17
CA GLU B 33 -10.19 -19.44 12.03
C GLU B 33 -8.66 -19.34 12.21
N CYS B 34 -8.17 -18.21 12.73
CA CYS B 34 -6.72 -18.05 12.91
C CYS B 34 -6.20 -19.00 13.96
N ASN B 35 -7.02 -19.27 14.97
CA ASN B 35 -6.64 -20.18 16.04
C ASN B 35 -6.55 -21.63 15.57
N LYS B 36 -7.27 -21.98 14.52
CA LYS B 36 -7.16 -23.32 13.93
C LYS B 36 -5.81 -23.52 13.22
N ILE B 37 -5.16 -22.42 12.84
CA ILE B 37 -3.86 -22.49 12.19
C ILE B 37 -2.79 -22.62 13.26
N GLU B 38 -2.90 -21.80 14.28
CA GLU B 38 -1.97 -21.79 15.39
C GLU B 38 -2.65 -21.04 16.53
N ASN B 39 -2.36 -21.43 17.77
CA ASN B 39 -3.04 -20.77 18.88
C ASN B 39 -2.49 -19.36 19.12
N VAL B 40 -3.33 -18.37 18.88
CA VAL B 40 -2.89 -16.98 18.82
C VAL B 40 -3.69 -16.05 19.73
N PHE B 41 -5.00 -16.24 19.75
CA PHE B 41 -5.90 -15.36 20.49
C PHE B 41 -6.59 -16.09 21.63
N ASN B 42 -6.71 -15.41 22.76
CA ASN B 42 -7.56 -15.86 23.87
C ASN B 42 -8.72 -14.90 23.96
N VAL B 43 -9.94 -15.40 23.83
CA VAL B 43 -11.10 -14.56 24.03
C VAL B 43 -11.37 -14.50 25.52
N LYS B 44 -10.95 -13.39 26.13
CA LYS B 44 -11.04 -13.23 27.59
C LYS B 44 -12.40 -12.74 28.04
N ALA B 45 -13.11 -12.04 27.18
CA ALA B 45 -14.33 -11.36 27.60
C ALA B 45 -15.28 -11.06 26.46
N LEU B 46 -16.57 -11.24 26.73
CA LEU B 46 -17.62 -10.94 25.78
C LEU B 46 -18.68 -10.05 26.43
N TYR B 47 -19.11 -9.02 25.71
CA TYR B 47 -20.09 -8.08 26.25
C TYR B 47 -21.16 -7.74 25.21
N VAL B 48 -22.42 -7.84 25.63
CA VAL B 48 -23.57 -7.60 24.76
C VAL B 48 -24.56 -6.73 25.52
N ASN B 49 -25.42 -6.04 24.80
CA ASN B 49 -26.37 -5.18 25.47
C ASN B 49 -27.48 -6.00 26.14
N LYS B 50 -28.16 -6.86 25.38
CA LYS B 50 -29.26 -7.65 25.94
C LYS B 50 -29.51 -9.05 25.32
N SER B 51 -28.78 -9.45 24.29
CA SER B 51 -29.06 -10.75 23.66
C SER B 51 -28.48 -11.92 24.44
N VAL B 52 -29.18 -12.34 25.51
CA VAL B 52 -28.72 -13.48 26.34
C VAL B 52 -28.50 -14.79 25.55
N ASN B 53 -29.47 -15.23 24.76
CA ASN B 53 -29.32 -16.54 24.09
C ASN B 53 -28.08 -16.58 23.20
N GLU B 54 -27.78 -15.45 22.59
CA GLU B 54 -26.68 -15.38 21.63
C GLU B 54 -25.35 -15.30 22.34
N LEU B 55 -25.31 -14.55 23.43
CA LEU B 55 -24.11 -14.47 24.27
C LEU B 55 -23.84 -15.85 24.82
N TYR B 56 -24.89 -16.53 25.28
CA TYR B 56 -24.73 -17.87 25.82
C TYR B 56 -24.19 -18.85 24.78
N GLU B 57 -24.61 -18.75 23.53
CA GLU B 57 -24.01 -19.61 22.51
C GLU B 57 -22.53 -19.29 22.33
N GLN B 58 -22.19 -18.01 22.38
CA GLN B 58 -20.80 -17.61 22.20
C GLN B 58 -19.98 -18.11 23.36
N ALA B 59 -20.50 -17.95 24.57
CA ALA B 59 -19.80 -18.41 25.77
C ALA B 59 -19.55 -19.90 25.70
N ARG B 60 -20.53 -20.68 25.24
CA ARG B 60 -20.33 -22.11 25.11
C ARG B 60 -19.11 -22.47 24.28
N GLU B 61 -18.87 -21.71 23.21
CA GLU B 61 -17.77 -22.06 22.31
C GLU B 61 -16.45 -21.48 22.78
N PHE B 62 -16.45 -20.22 23.17
CA PHE B 62 -15.17 -19.54 23.47
C PHE B 62 -14.82 -19.55 24.94
N LEU B 63 -15.80 -19.81 25.81
CA LEU B 63 -15.51 -20.00 27.23
C LEU B 63 -14.70 -18.85 27.82
N PRO B 64 -15.12 -17.59 27.60
CA PRO B 64 -14.30 -16.49 28.11
C PRO B 64 -14.33 -16.36 29.63
N GLU B 65 -13.24 -15.87 30.21
CA GLU B 65 -13.18 -15.57 31.65
C GLU B 65 -14.39 -14.72 32.07
N TYR B 66 -14.62 -13.63 31.35
CA TYR B 66 -15.68 -12.69 31.68
C TYR B 66 -16.86 -12.73 30.71
N LEU B 67 -18.06 -12.60 31.27
CA LEU B 67 -19.27 -12.34 30.50
C LEU B 67 -19.92 -11.08 31.05
N CYS B 68 -20.43 -10.22 30.18
CA CYS B 68 -21.14 -9.05 30.68
C CYS B 68 -22.34 -8.72 29.81
N ILE B 69 -23.46 -8.57 30.49
CA ILE B 69 -24.73 -8.22 29.88
C ILE B 69 -25.09 -6.88 30.49
N HIS B 70 -25.37 -5.88 29.66
CA HIS B 70 -25.55 -4.54 30.19
C HIS B 70 -26.87 -4.45 30.96
N ASP B 71 -27.93 -4.90 30.31
CA ASP B 71 -29.29 -4.90 30.84
C ASP B 71 -29.40 -5.89 32.02
N LYS B 72 -29.42 -5.37 33.25
CA LYS B 72 -29.48 -6.20 34.46
C LYS B 72 -30.76 -7.02 34.58
N SER B 73 -31.81 -6.60 33.88
CA SER B 73 -33.06 -7.31 33.95
C SER B 73 -32.87 -8.74 33.42
N VAL B 74 -31.85 -8.96 32.61
CA VAL B 74 -31.62 -10.31 32.08
C VAL B 74 -30.32 -10.92 32.59
N TYR B 75 -29.83 -10.37 33.70
CA TYR B 75 -28.58 -10.81 34.32
C TYR B 75 -28.70 -12.20 34.93
N GLU B 76 -29.73 -12.41 35.77
CA GLU B 76 -29.89 -13.71 36.44
C GLU B 76 -30.18 -14.80 35.42
N GLU B 77 -30.87 -14.42 34.35
CA GLU B 77 -31.14 -15.35 33.26
C GLU B 77 -29.84 -15.85 32.65
N LEU B 78 -28.88 -14.94 32.46
CA LEU B 78 -27.58 -15.32 31.94
C LEU B 78 -26.94 -16.38 32.83
N LYS B 79 -26.84 -16.11 34.14
CA LYS B 79 -26.30 -17.11 35.06
C LYS B 79 -26.99 -18.46 34.89
N GLU B 80 -28.32 -18.44 34.79
CA GLU B 80 -29.10 -19.68 34.73
C GLU B 80 -28.73 -20.44 33.48
N LEU B 81 -28.43 -19.72 32.41
CA LEU B 81 -28.02 -20.35 31.17
C LEU B 81 -26.61 -20.92 31.22
N VAL B 82 -25.69 -20.16 31.81
CA VAL B 82 -24.28 -20.52 31.82
C VAL B 82 -23.99 -21.62 32.81
N LYS B 83 -24.87 -21.78 33.79
CA LYS B 83 -24.82 -22.92 34.70
C LYS B 83 -24.64 -24.23 33.98
N ASN B 84 -25.36 -24.31 32.88
CA ASN B 84 -25.38 -25.51 32.07
C ASN B 84 -24.04 -25.86 31.48
N ILE B 85 -23.23 -24.86 31.14
CA ILE B 85 -21.96 -25.15 30.51
C ILE B 85 -21.10 -25.75 31.57
N LYS B 86 -20.45 -26.84 31.22
CA LYS B 86 -19.73 -27.59 32.22
C LYS B 86 -18.25 -27.17 32.21
N ASP B 87 -17.57 -27.46 33.32
CA ASP B 87 -16.15 -27.14 33.50
C ASP B 87 -15.86 -25.68 33.19
N TYR B 88 -16.69 -24.80 33.72
CA TYR B 88 -16.67 -23.41 33.28
C TYR B 88 -17.38 -22.51 34.29
N LYS B 89 -16.57 -21.69 34.94
CA LYS B 89 -16.99 -20.85 36.04
C LYS B 89 -16.57 -19.40 35.76
N PRO B 90 -17.25 -18.74 34.81
CA PRO B 90 -16.81 -17.41 34.41
C PRO B 90 -17.32 -16.33 35.36
N ILE B 91 -16.63 -15.21 35.36
CA ILE B 91 -17.07 -14.04 36.10
C ILE B 91 -18.18 -13.38 35.28
N ILE B 92 -19.38 -13.34 35.84
CA ILE B 92 -20.55 -12.90 35.11
C ILE B 92 -21.00 -11.53 35.66
N LEU B 93 -20.71 -10.47 34.92
CA LEU B 93 -20.94 -9.11 35.41
C LEU B 93 -22.04 -8.45 34.59
N CYS B 94 -22.43 -7.26 34.99
CA CYS B 94 -23.47 -6.58 34.27
C CYS B 94 -23.36 -5.06 34.37
N GLY B 95 -23.97 -4.36 33.41
CA GLY B 95 -23.98 -2.91 33.38
C GLY B 95 -22.65 -2.22 33.09
N ASP B 96 -22.66 -0.90 33.14
CA ASP B 96 -21.44 -0.10 33.08
C ASP B 96 -20.35 -0.59 34.05
N GLU B 97 -20.75 -1.08 35.22
CA GLU B 97 -19.75 -1.51 36.24
C GLU B 97 -18.94 -2.71 35.75
N GLY B 98 -19.62 -3.69 35.16
CA GLY B 98 -18.95 -4.87 34.62
C GLY B 98 -18.09 -4.50 33.42
N MET B 99 -18.55 -3.52 32.65
CA MET B 99 -17.78 -3.04 31.53
C MET B 99 -16.48 -2.43 32.02
N LYS B 100 -16.58 -1.63 33.09
CA LYS B 100 -15.39 -1.05 33.72
C LYS B 100 -14.45 -2.12 34.26
N GLU B 101 -15.00 -3.14 34.91
CA GLU B 101 -14.16 -4.21 35.46
C GLU B 101 -13.41 -4.94 34.36
N ILE B 102 -14.08 -5.21 33.25
CA ILE B 102 -13.42 -5.86 32.13
C ILE B 102 -12.29 -4.99 31.57
N CYS B 103 -12.56 -3.71 31.33
CA CYS B 103 -11.54 -2.81 30.76
C CYS B 103 -10.28 -2.68 31.63
N SER B 104 -10.43 -2.83 32.94
CA SER B 104 -9.30 -2.63 33.85
C SER B 104 -8.60 -3.93 34.22
N SER B 105 -9.02 -5.05 33.65
CA SER B 105 -8.35 -6.31 33.94
C SER B 105 -7.00 -6.40 33.24
N ASN B 106 -5.99 -6.83 33.99
CA ASN B 106 -4.64 -7.01 33.45
C ASN B 106 -4.54 -8.10 32.42
N SER B 107 -5.46 -9.06 32.49
CA SER B 107 -5.40 -10.19 31.59
C SER B 107 -6.11 -9.88 30.27
N ILE B 108 -6.25 -8.59 29.96
CA ILE B 108 -6.82 -8.16 28.70
C ILE B 108 -5.94 -7.11 28.05
N ASP B 109 -5.48 -7.40 26.83
CA ASP B 109 -4.58 -6.51 26.12
C ASP B 109 -5.29 -5.64 25.09
N LYS B 110 -6.27 -6.19 24.39
CA LYS B 110 -6.90 -5.49 23.28
C LYS B 110 -8.42 -5.59 23.35
N ILE B 111 -9.09 -4.48 23.09
CA ILE B 111 -10.54 -4.43 23.20
C ILE B 111 -11.17 -3.99 21.88
N VAL B 112 -12.01 -4.86 21.33
CA VAL B 112 -12.74 -4.58 20.10
C VAL B 112 -14.04 -3.91 20.50
N ILE B 113 -14.22 -2.69 20.00
CA ILE B 113 -15.44 -1.95 20.30
C ILE B 113 -16.36 -2.05 19.11
N GLY B 114 -17.36 -2.90 19.23
CA GLY B 114 -18.35 -3.11 18.17
C GLY B 114 -19.74 -2.73 18.62
N ILE B 115 -19.83 -1.79 19.56
CA ILE B 115 -21.09 -1.19 19.99
C ILE B 115 -21.14 0.20 19.36
N ASP B 116 -21.87 0.35 18.23
CA ASP B 116 -21.82 1.62 17.47
C ASP B 116 -22.61 2.72 18.16
N SER B 117 -23.69 2.35 18.81
CA SER B 117 -24.49 3.36 19.53
C SER B 117 -23.58 4.27 20.34
N PHE B 118 -23.99 5.52 20.41
CA PHE B 118 -23.27 6.47 21.23
C PHE B 118 -22.99 5.95 22.70
N GLN B 119 -23.73 4.94 23.13
CA GLN B 119 -23.35 4.18 24.31
C GLN B 119 -21.92 3.64 24.28
N GLY B 120 -21.47 3.31 23.06
CA GLY B 120 -20.11 2.81 22.83
C GLY B 120 -19.03 3.82 23.20
N LEU B 121 -19.40 5.09 23.32
CA LEU B 121 -18.49 6.10 23.80
C LEU B 121 -17.89 5.69 25.15
N TYR B 122 -18.73 5.18 26.03
CA TYR B 122 -18.32 4.83 27.40
C TYR B 122 -17.26 3.74 27.47
N SER B 123 -17.47 2.64 26.76
CA SER B 123 -16.48 1.58 26.79
C SER B 123 -15.20 2.03 26.08
N THR B 124 -15.35 2.83 25.04
CA THR B 124 -14.18 3.41 24.36
C THR B 124 -13.35 4.19 25.37
N MET B 125 -14.02 5.04 26.15
CA MET B 125 -13.36 5.86 27.17
C MET B 125 -12.62 5.01 28.16
N TYR B 126 -13.32 4.01 28.71
CA TYR B 126 -12.75 3.18 29.77
C TYR B 126 -11.62 2.32 29.26
N ALA B 127 -11.71 1.92 27.99
CA ALA B 127 -10.62 1.15 27.39
C ALA B 127 -9.37 2.04 27.26
N ILE B 128 -9.56 3.30 26.87
CA ILE B 128 -8.45 4.24 26.76
C ILE B 128 -7.87 4.56 28.13
N MET B 129 -8.74 4.72 29.11
CA MET B 129 -8.31 5.04 30.46
C MET B 129 -7.44 3.95 31.06
N ASN B 130 -7.70 2.70 30.67
CA ASN B 130 -6.90 1.59 31.16
C ASN B 130 -5.75 1.22 30.23
N ASN B 131 -5.40 2.16 29.35
CA ASN B 131 -4.19 2.07 28.55
C ASN B 131 -4.12 0.86 27.62
N LYS B 132 -5.28 0.48 27.08
CA LYS B 132 -5.36 -0.67 26.21
C LYS B 132 -5.18 -0.27 24.75
N ILE B 133 -5.03 -1.29 23.91
CA ILE B 133 -5.19 -1.15 22.48
C ILE B 133 -6.66 -1.26 22.20
N VAL B 134 -7.21 -0.21 21.60
CA VAL B 134 -8.65 -0.14 21.36
C VAL B 134 -8.91 -0.27 19.88
N ALA B 135 -9.46 -1.41 19.51
CA ALA B 135 -9.80 -1.66 18.12
C ALA B 135 -11.21 -1.14 17.91
N LEU B 136 -11.30 0.05 17.34
CA LEU B 136 -12.52 0.85 17.34
C LEU B 136 -13.31 0.78 16.04
N ALA B 137 -14.52 0.22 16.15
CA ALA B 137 -15.53 0.18 15.07
C ALA B 137 -16.81 0.91 15.50
N ASN B 138 -16.66 2.12 16.01
CA ASN B 138 -17.78 2.96 16.41
C ASN B 138 -17.38 4.35 16.01
N LYS B 139 -17.54 4.61 14.72
CA LYS B 139 -17.14 5.88 14.16
C LYS B 139 -17.95 7.02 14.75
N GLU B 140 -19.13 6.70 15.28
CA GLU B 140 -19.99 7.76 15.86
C GLU B 140 -19.34 8.40 17.07
N SER B 141 -18.63 7.62 17.86
CA SER B 141 -17.93 8.18 19.00
C SER B 141 -16.80 9.14 18.56
N ILE B 142 -16.10 8.82 17.49
CA ILE B 142 -15.06 9.71 16.98
C ILE B 142 -15.65 11.00 16.42
N VAL B 143 -16.77 10.86 15.70
CA VAL B 143 -17.42 12.02 15.10
C VAL B 143 -17.98 12.96 16.15
N SER B 144 -18.67 12.38 17.13
CA SER B 144 -19.32 13.12 18.20
C SER B 144 -18.38 13.62 19.30
N ALA B 145 -17.32 12.87 19.57
CA ALA B 145 -16.50 13.14 20.77
C ALA B 145 -14.99 13.13 20.45
N GLY B 146 -14.66 13.34 19.18
CA GLY B 146 -13.28 13.27 18.71
C GLY B 146 -12.27 14.05 19.55
N PHE B 147 -12.62 15.29 19.81
CA PHE B 147 -11.77 16.23 20.54
C PHE B 147 -11.58 15.72 21.96
N PHE B 148 -12.66 15.21 22.54
CA PHE B 148 -12.64 14.61 23.85
C PHE B 148 -11.75 13.35 23.90
N LEU B 149 -11.84 12.51 22.87
CA LEU B 149 -11.05 11.29 22.82
C LEU B 149 -9.56 11.62 22.67
N LYS B 150 -9.27 12.65 21.89
CA LYS B 150 -7.94 13.17 21.71
C LYS B 150 -7.31 13.66 23.03
N LYS B 151 -8.11 14.40 23.78
CA LYS B 151 -7.74 14.86 25.11
C LYS B 151 -7.40 13.65 26.00
N LEU B 152 -8.29 12.67 25.99
CA LEU B 152 -8.13 11.47 26.79
C LEU B 152 -6.86 10.68 26.40
N LEU B 153 -6.63 10.55 25.10
CA LEU B 153 -5.42 9.89 24.59
C LEU B 153 -4.12 10.63 24.94
N ASN B 154 -4.20 11.95 25.06
CA ASN B 154 -3.03 12.70 25.45
C ASN B 154 -2.68 12.34 26.89
N ILE B 155 -3.70 12.09 27.69
CA ILE B 155 -3.50 11.76 29.08
C ILE B 155 -2.98 10.33 29.25
N HIS B 156 -3.61 9.39 28.55
CA HIS B 156 -3.28 7.98 28.69
C HIS B 156 -2.33 7.56 27.58
N LYS B 157 -1.05 7.74 27.86
CA LYS B 157 -0.02 7.77 26.83
C LYS B 157 0.21 6.42 26.15
N ASN B 158 -0.13 5.34 26.84
CA ASN B 158 0.08 4.01 26.30
C ASN B 158 -1.12 3.41 25.62
N ALA B 159 -2.27 4.07 25.75
CA ALA B 159 -3.47 3.65 25.02
C ALA B 159 -3.28 3.96 23.54
N LYS B 160 -3.87 3.12 22.69
CA LYS B 160 -3.87 3.39 21.26
C LYS B 160 -5.17 2.98 20.61
N ILE B 161 -5.74 3.90 19.84
CA ILE B 161 -6.86 3.57 18.95
C ILE B 161 -6.32 3.00 17.64
N ILE B 162 -6.75 1.79 17.30
CA ILE B 162 -6.42 1.20 16.03
C ILE B 162 -7.74 1.09 15.27
N PRO B 163 -7.83 1.74 14.08
CA PRO B 163 -9.13 1.77 13.43
C PRO B 163 -9.54 0.44 12.78
N VAL B 164 -10.82 0.13 12.92
CA VAL B 164 -11.44 -1.08 12.40
C VAL B 164 -12.34 -0.77 11.22
N ASP B 165 -12.93 0.43 11.20
CA ASP B 165 -13.77 0.85 10.07
C ASP B 165 -12.93 0.57 8.83
N SER B 166 -13.49 -0.09 7.82
CA SER B 166 -12.68 -0.67 6.73
C SER B 166 -11.77 0.33 5.97
N GLU B 167 -12.27 1.54 5.74
CA GLU B 167 -11.53 2.54 4.98
C GLU B 167 -10.38 3.08 5.83
N HIS B 168 -10.60 3.20 7.12
CA HIS B 168 -9.59 3.74 8.02
C HIS B 168 -8.52 2.69 8.33
N SER B 169 -8.93 1.43 8.47
CA SER B 169 -7.97 0.31 8.51
C SER B 169 -7.13 0.31 7.23
N ALA B 170 -7.76 0.51 6.10
CA ALA B 170 -7.06 0.56 4.81
C ALA B 170 -5.97 1.64 4.79
N ILE B 171 -6.38 2.86 5.12
CA ILE B 171 -5.47 3.98 5.24
C ILE B 171 -4.33 3.63 6.19
N PHE B 172 -4.68 3.11 7.37
CA PHE B 172 -3.69 2.70 8.38
C PHE B 172 -2.73 1.63 7.85
N GLN B 173 -3.26 0.69 7.06
CA GLN B 173 -2.42 -0.38 6.47
C GLN B 173 -1.47 0.12 5.38
N CYS B 174 -1.81 1.25 4.76
CA CYS B 174 -0.98 1.88 3.73
C CYS B 174 0.18 2.70 4.29
N LEU B 175 0.22 2.80 5.62
CA LEU B 175 1.23 3.60 6.27
C LEU B 175 2.41 2.73 6.70
N ASP B 176 3.58 3.36 6.76
CA ASP B 176 4.82 2.72 7.18
C ASP B 176 4.90 2.71 8.69
N ASN B 177 4.80 1.53 9.31
CA ASN B 177 4.82 1.44 10.77
C ASN B 177 6.09 2.01 11.41
N ASN B 178 7.15 2.13 10.63
CA ASN B 178 8.34 2.81 11.14
C ASN B 178 8.05 4.28 11.42
N LYS B 179 7.03 4.83 10.76
CA LYS B 179 6.56 6.17 11.07
C LYS B 179 5.40 6.14 12.07
N VAL B 180 4.47 5.20 11.88
CA VAL B 180 3.28 5.12 12.74
C VAL B 180 3.66 5.02 14.21
N LEU B 181 4.69 4.22 14.48
CA LEU B 181 5.15 3.99 15.83
C LEU B 181 5.80 5.21 16.50
N LYS B 182 6.05 6.25 15.73
CA LYS B 182 6.50 7.52 16.26
C LYS B 182 5.35 8.48 16.59
N THR B 183 4.12 8.00 16.44
CA THR B 183 2.93 8.82 16.69
C THR B 183 1.82 7.85 17.09
N LYS B 184 0.55 8.23 16.95
CA LYS B 184 -0.56 7.31 17.12
C LYS B 184 -1.81 8.00 16.61
N CYS B 185 -2.85 7.22 16.34
CA CYS B 185 -4.10 7.78 15.86
C CYS B 185 -4.68 8.79 16.85
N LEU B 186 -5.32 9.80 16.29
CA LEU B 186 -6.00 10.82 17.05
C LEU B 186 -5.00 11.73 17.79
N GLN B 187 -3.79 11.83 17.27
CA GLN B 187 -2.77 12.69 17.87
C GLN B 187 -2.31 13.76 16.87
N ASP B 188 -2.20 15.01 17.33
CA ASP B 188 -1.79 16.09 16.43
C ASP B 188 -0.52 15.65 15.72
N ASN B 189 -0.44 16.00 14.44
CA ASN B 189 0.74 15.76 13.61
C ASN B 189 0.94 14.36 13.08
N PHE B 190 -0.04 13.51 13.28
CA PHE B 190 0.04 12.17 12.74
C PHE B 190 0.30 12.18 11.22
N SER B 191 -0.38 13.06 10.49
CA SER B 191 -0.24 13.09 9.04
C SER B 191 1.11 13.65 8.60
N LYS B 192 1.63 14.62 9.33
CA LYS B 192 2.94 15.15 9.01
C LYS B 192 4.02 14.09 9.19
N ILE B 193 3.99 13.44 10.34
CA ILE B 193 4.96 12.40 10.68
C ILE B 193 4.90 11.26 9.68
N ASN B 194 3.70 10.95 9.18
CA ASN B 194 3.54 9.87 8.20
C ASN B 194 3.66 10.29 6.72
N ASN B 195 3.98 11.57 6.49
CA ASN B 195 4.17 12.12 5.14
C ASN B 195 2.93 12.07 4.23
N ILE B 196 1.77 12.21 4.86
CA ILE B 196 0.49 12.11 4.18
C ILE B 196 0.13 13.42 3.53
N ASN B 197 -0.17 13.39 2.24
CA ASN B 197 -0.59 14.58 1.53
C ASN B 197 -2.10 14.63 1.36
N LYS B 198 -2.72 13.47 1.18
CA LYS B 198 -4.12 13.45 0.82
C LYS B 198 -4.68 12.04 0.95
N ILE B 199 -5.99 11.96 1.19
CA ILE B 199 -6.67 10.68 1.33
C ILE B 199 -7.73 10.55 0.25
N PHE B 200 -7.70 9.42 -0.45
CA PHE B 200 -8.82 8.97 -1.25
C PHE B 200 -9.67 8.04 -0.39
N LEU B 201 -10.80 8.56 0.04
CA LEU B 201 -11.71 7.83 0.88
C LEU B 201 -12.77 7.17 0.00
N CYS B 202 -12.56 5.89 -0.26
CA CYS B 202 -13.41 5.13 -1.17
C CYS B 202 -14.75 4.75 -0.55
N SER B 203 -15.74 4.61 -1.43
CA SER B 203 -17.09 4.29 -1.03
C SER B 203 -17.73 3.34 -2.05
N SER B 204 -18.57 2.44 -1.56
CA SER B 204 -19.33 1.53 -2.43
C SER B 204 -20.29 2.35 -3.27
N GLY B 205 -20.66 3.51 -2.74
CA GLY B 205 -21.68 4.37 -3.37
C GLY B 205 -23.12 4.05 -2.97
N GLY B 206 -23.35 2.87 -2.41
CA GLY B 206 -24.68 2.45 -1.98
C GLY B 206 -25.51 2.05 -3.18
N PRO B 207 -26.78 1.72 -2.96
CA PRO B 207 -27.59 1.27 -4.11
C PRO B 207 -28.14 2.34 -5.03
N PHE B 208 -27.98 3.62 -4.72
CA PHE B 208 -28.64 4.66 -5.49
C PHE B 208 -27.74 5.53 -6.38
N GLN B 209 -26.50 5.11 -6.68
CA GLN B 209 -25.61 5.93 -7.54
C GLN B 209 -26.14 6.26 -8.92
N ASN B 210 -26.88 5.34 -9.53
CA ASN B 210 -27.34 5.59 -10.88
C ASN B 210 -28.73 6.12 -10.96
N LEU B 211 -29.30 6.54 -9.85
CA LEU B 211 -30.64 7.10 -9.88
C LEU B 211 -30.60 8.56 -10.29
N THR B 212 -31.63 8.98 -11.03
CA THR B 212 -31.86 10.39 -11.30
C THR B 212 -32.42 11.07 -10.06
N MET B 213 -32.41 12.40 -10.06
CA MET B 213 -33.01 13.20 -8.97
C MET B 213 -34.47 12.78 -8.72
N ASP B 214 -35.23 12.62 -9.79
CA ASP B 214 -36.64 12.24 -9.67
C ASP B 214 -36.82 10.84 -9.04
N GLU B 215 -35.98 9.89 -9.43
CA GLU B 215 -36.08 8.55 -8.89
C GLU B 215 -35.64 8.56 -7.41
N LEU B 216 -34.64 9.38 -7.12
CA LEU B 216 -34.11 9.49 -5.74
C LEU B 216 -35.16 9.99 -4.77
N LYS B 217 -35.96 10.95 -5.24
CA LYS B 217 -37.02 11.52 -4.42
C LYS B 217 -37.92 10.44 -3.81
N ASN B 218 -38.03 9.29 -4.47
CA ASN B 218 -38.98 8.22 -4.10
C ASN B 218 -38.44 7.00 -3.37
N VAL B 219 -37.12 6.94 -3.23
CA VAL B 219 -36.52 5.76 -2.68
C VAL B 219 -37.04 5.52 -1.27
N THR B 220 -37.22 4.26 -0.94
CA THR B 220 -37.71 3.86 0.35
C THR B 220 -36.63 3.09 1.08
N SER B 221 -36.83 2.84 2.36
CA SER B 221 -35.86 2.07 3.13
C SER B 221 -35.78 0.61 2.64
N GLU B 222 -36.88 0.11 2.10
CA GLU B 222 -36.88 -1.20 1.46
C GLU B 222 -35.85 -1.26 0.33
N ASN B 223 -35.91 -0.26 -0.56
CA ASN B 223 -34.92 -0.10 -1.63
C ASN B 223 -33.50 -0.04 -1.07
N ALA B 224 -33.33 0.74 -0.03
CA ALA B 224 -32.00 0.99 0.52
C ALA B 224 -31.36 -0.24 1.16
N LEU B 225 -32.17 -1.15 1.67
CA LEU B 225 -31.66 -2.37 2.34
C LEU B 225 -31.48 -3.53 1.37
N LYS B 226 -31.78 -3.27 0.10
CA LYS B 226 -31.71 -4.27 -0.96
C LYS B 226 -30.29 -4.56 -1.43
N HIS B 227 -29.96 -5.83 -1.57
CA HIS B 227 -28.72 -6.23 -2.23
C HIS B 227 -27.55 -5.31 -1.84
N PRO B 228 -27.24 -5.21 -0.54
CA PRO B 228 -26.12 -4.34 -0.25
C PRO B 228 -24.76 -5.01 -0.48
N LYS B 229 -23.75 -4.20 -0.78
CA LYS B 229 -22.42 -4.71 -1.10
C LYS B 229 -21.72 -5.31 0.14
N TRP B 230 -22.06 -4.79 1.33
CA TRP B 230 -21.57 -5.37 2.60
C TRP B 230 -22.73 -5.80 3.49
N LYS B 231 -22.50 -6.82 4.31
CA LYS B 231 -23.57 -7.33 5.15
C LYS B 231 -23.41 -6.73 6.53
N MET B 232 -24.30 -5.80 6.89
CA MET B 232 -24.13 -5.04 8.12
C MET B 232 -25.49 -4.67 8.69
N GLY B 233 -25.49 -3.92 9.79
CA GLY B 233 -26.74 -3.51 10.42
C GLY B 233 -27.53 -2.52 9.59
N LYS B 234 -28.80 -2.36 9.96
CA LYS B 234 -29.70 -1.48 9.21
C LYS B 234 -29.26 -0.03 9.25
N LYS B 235 -28.76 0.43 10.39
CA LYS B 235 -28.45 1.85 10.56
C LYS B 235 -27.33 2.28 9.61
N ILE B 236 -26.26 1.52 9.57
CA ILE B 236 -25.18 1.85 8.66
C ILE B 236 -25.57 1.61 7.20
N THR B 237 -26.44 0.64 6.94
CA THR B 237 -26.87 0.39 5.55
C THR B 237 -27.69 1.58 5.04
N ILE B 238 -28.53 2.17 5.88
CA ILE B 238 -29.21 3.40 5.51
C ILE B 238 -28.24 4.56 5.31
N ASP B 239 -27.25 4.69 6.19
CA ASP B 239 -26.23 5.73 6.03
C ASP B 239 -25.43 5.53 4.75
N SER B 240 -25.25 4.29 4.33
CA SER B 240 -24.56 4.01 3.07
C SER B 240 -25.42 4.49 1.90
N ALA B 241 -26.72 4.29 1.96
CA ALA B 241 -27.61 4.75 0.88
C ALA B 241 -27.60 6.27 0.69
N THR B 242 -27.48 7.02 1.79
CA THR B 242 -27.57 8.49 1.76
C THR B 242 -26.20 9.10 1.59
N MET B 243 -25.21 8.22 1.66
CA MET B 243 -23.78 8.50 1.78
C MET B 243 -23.41 9.31 3.03
N MET B 244 -24.31 9.37 4.00
CA MET B 244 -23.96 9.99 5.28
C MET B 244 -22.93 9.11 5.99
N ASN B 245 -22.90 7.82 5.68
CA ASN B 245 -21.87 7.00 6.26
C ASN B 245 -20.49 7.55 5.85
N LYS B 246 -20.35 7.91 4.57
CA LYS B 246 -19.08 8.44 4.07
C LYS B 246 -18.82 9.82 4.67
N GLY B 247 -19.87 10.61 4.87
CA GLY B 247 -19.76 11.90 5.53
C GLY B 247 -19.17 11.78 6.92
N LEU B 248 -19.75 10.88 7.71
CA LEU B 248 -19.21 10.57 9.03
C LEU B 248 -17.76 10.10 8.95
N GLU B 249 -17.47 9.31 7.92
CA GLU B 249 -16.15 8.75 7.73
C GLU B 249 -15.12 9.78 7.30
N VAL B 250 -15.57 10.86 6.67
CA VAL B 250 -14.69 12.00 6.37
C VAL B 250 -14.20 12.65 7.68
N ILE B 251 -15.13 12.89 8.60
CA ILE B 251 -14.79 13.48 9.88
C ILE B 251 -13.96 12.49 10.69
N GLU B 252 -14.26 11.21 10.58
CA GLU B 252 -13.47 10.17 11.25
C GLU B 252 -12.02 10.15 10.76
N THR B 253 -11.86 10.34 9.46
CA THR B 253 -10.54 10.44 8.84
C THR B 253 -9.79 11.66 9.38
N HIS B 254 -10.49 12.79 9.47
CA HIS B 254 -9.87 14.02 9.94
C HIS B 254 -9.34 13.83 11.37
N PHE B 255 -10.15 13.23 12.24
CA PHE B 255 -9.73 13.05 13.63
C PHE B 255 -8.68 11.96 13.81
N LEU B 256 -8.86 10.80 13.18
CA LEU B 256 -7.89 9.72 13.37
C LEU B 256 -6.50 10.07 12.88
N PHE B 257 -6.41 10.76 11.75
CA PHE B 257 -5.13 10.89 11.06
C PHE B 257 -4.66 12.34 10.93
N ASP B 258 -5.42 13.25 11.53
CA ASP B 258 -5.13 14.69 11.50
C ASP B 258 -4.94 15.18 10.08
N VAL B 259 -5.87 14.82 9.22
CA VAL B 259 -5.85 15.23 7.82
C VAL B 259 -6.90 16.32 7.64
N ASP B 260 -6.48 17.43 7.02
CA ASP B 260 -7.36 18.55 6.75
C ASP B 260 -8.50 18.10 5.86
N TYR B 261 -9.66 18.71 6.02
CA TYR B 261 -10.84 18.37 5.21
C TYR B 261 -10.62 18.59 3.71
N ASN B 262 -9.84 19.61 3.38
CA ASN B 262 -9.43 19.87 2.02
C ASN B 262 -8.65 18.75 1.38
N ASP B 263 -8.00 17.94 2.20
CA ASP B 263 -7.17 16.87 1.68
C ASP B 263 -7.84 15.52 1.76
N ILE B 264 -9.16 15.50 1.92
CA ILE B 264 -9.93 14.25 1.95
C ILE B 264 -10.88 14.23 0.76
N GLU B 265 -10.65 13.33 -0.20
CA GLU B 265 -11.51 13.23 -1.40
C GLU B 265 -12.33 11.94 -1.38
N VAL B 266 -13.64 12.08 -1.49
CA VAL B 266 -14.51 10.93 -1.53
C VAL B 266 -14.55 10.40 -2.97
N ILE B 267 -14.37 9.09 -3.11
CA ILE B 267 -14.34 8.45 -4.43
C ILE B 267 -15.28 7.25 -4.39
N VAL B 268 -16.19 7.18 -5.36
CA VAL B 268 -17.08 6.04 -5.47
C VAL B 268 -16.40 4.92 -6.24
N HIS B 269 -16.19 3.81 -5.54
CA HIS B 269 -15.56 2.62 -6.12
C HIS B 269 -16.48 1.42 -5.91
N LYS B 270 -17.32 1.14 -6.92
CA LYS B 270 -18.47 0.26 -6.73
C LYS B 270 -18.12 -1.22 -6.54
N GLU B 271 -16.92 -1.62 -6.93
CA GLU B 271 -16.52 -3.01 -6.82
C GLU B 271 -16.08 -3.37 -5.39
N CYS B 272 -15.79 -2.36 -4.58
CA CYS B 272 -15.47 -2.56 -3.16
C CYS B 272 -14.26 -3.44 -2.95
N ILE B 273 -13.27 -3.30 -3.82
CA ILE B 273 -12.01 -4.04 -3.73
C ILE B 273 -10.90 -3.16 -3.12
N ILE B 274 -10.71 -1.96 -3.67
CA ILE B 274 -9.81 -0.96 -3.07
C ILE B 274 -10.55 -0.27 -1.93
N HIS B 275 -10.03 -0.35 -0.71
CA HIS B 275 -10.83 0.09 0.45
C HIS B 275 -10.56 1.53 0.84
N SER B 276 -9.44 2.05 0.35
CA SER B 276 -9.11 3.48 0.37
C SER B 276 -7.61 3.60 0.01
N CYS B 277 -7.15 4.82 -0.28
CA CYS B 277 -5.79 5.07 -0.75
C CYS B 277 -5.18 6.28 -0.06
N VAL B 278 -3.87 6.22 0.14
CA VAL B 278 -3.15 7.35 0.69
C VAL B 278 -2.16 7.92 -0.34
N GLU B 279 -2.26 9.23 -0.59
CA GLU B 279 -1.26 9.96 -1.35
C GLU B 279 -0.23 10.59 -0.43
N PHE B 280 1.04 10.23 -0.64
CA PHE B 280 2.13 10.78 0.14
C PHE B 280 2.65 12.09 -0.51
N ILE B 281 3.51 12.81 0.21
CA ILE B 281 3.91 14.17 -0.19
C ILE B 281 4.73 14.16 -1.48
N ASP B 282 5.28 13.00 -1.83
CA ASP B 282 5.98 12.83 -3.10
C ASP B 282 5.02 12.57 -4.27
N LYS B 283 3.76 12.35 -3.93
CA LYS B 283 2.65 12.04 -4.89
C LYS B 283 2.47 10.55 -5.22
N SER B 284 3.33 9.70 -4.68
CA SER B 284 3.12 8.28 -4.78
C SER B 284 1.86 7.92 -3.99
N VAL B 285 1.08 7.00 -4.52
CA VAL B 285 -0.12 6.55 -3.84
C VAL B 285 -0.02 5.08 -3.44
N ILE B 286 -0.47 4.77 -2.24
CA ILE B 286 -0.50 3.40 -1.78
C ILE B 286 -1.96 3.09 -1.44
N SER B 287 -2.42 1.89 -1.77
CA SER B 287 -3.79 1.51 -1.46
C SER B 287 -3.85 0.10 -0.89
N GLN B 288 -4.93 -0.18 -0.17
CA GLN B 288 -5.16 -1.50 0.38
C GLN B 288 -6.36 -2.13 -0.29
N MET B 289 -6.23 -3.41 -0.60
CA MET B 289 -7.23 -4.18 -1.33
C MET B 289 -7.56 -5.53 -0.71
N TYR B 290 -8.82 -5.89 -0.81
CA TYR B 290 -9.30 -7.23 -0.56
C TYR B 290 -10.77 -7.28 -0.96
N TYR B 291 -11.33 -8.48 -0.97
CA TYR B 291 -12.76 -8.63 -1.12
C TYR B 291 -13.44 -7.85 0.00
N PRO B 292 -14.69 -7.46 -0.21
CA PRO B 292 -15.41 -6.78 0.87
C PRO B 292 -15.75 -7.70 2.05
N ASP B 293 -14.81 -7.82 2.98
CA ASP B 293 -14.90 -8.74 4.10
C ASP B 293 -14.30 -8.08 5.35
N MET B 294 -15.12 -7.86 6.38
CA MET B 294 -14.68 -7.11 7.57
C MET B 294 -13.63 -7.85 8.39
N GLN B 295 -13.40 -9.12 8.06
CA GLN B 295 -12.47 -9.94 8.83
C GLN B 295 -11.01 -9.44 8.74
N ILE B 296 -10.63 -8.91 7.60
CA ILE B 296 -9.27 -8.36 7.41
C ILE B 296 -9.01 -7.12 8.28
N PRO B 297 -9.89 -6.11 8.22
CA PRO B 297 -9.59 -4.93 9.06
C PRO B 297 -9.65 -5.25 10.54
N ILE B 298 -10.55 -6.16 10.93
CA ILE B 298 -10.66 -6.56 12.33
C ILE B 298 -9.36 -7.26 12.73
N LEU B 299 -8.92 -8.18 11.89
CA LEU B 299 -7.72 -8.95 12.21
C LEU B 299 -6.50 -8.04 12.35
N TYR B 300 -6.32 -7.12 11.40
CA TYR B 300 -5.19 -6.21 11.44
C TYR B 300 -5.18 -5.40 12.75
N SER B 301 -6.34 -4.96 13.19
CA SER B 301 -6.40 -4.16 14.42
C SER B 301 -5.91 -5.00 15.60
N LEU B 302 -6.09 -6.32 15.53
CA LEU B 302 -5.67 -7.22 16.61
C LEU B 302 -4.21 -7.70 16.50
N THR B 303 -3.65 -7.63 15.30
CA THR B 303 -2.28 -8.09 15.10
C THR B 303 -1.27 -6.95 14.95
N TRP B 304 -1.75 -5.78 14.53
CA TRP B 304 -0.86 -4.61 14.34
C TRP B 304 0.09 -4.49 15.53
N PRO B 305 1.38 -4.24 15.27
CA PRO B 305 2.08 -3.92 14.04
C PRO B 305 2.49 -5.10 13.17
N ASP B 306 2.03 -6.28 13.55
CA ASP B 306 2.31 -7.52 12.83
C ASP B 306 1.16 -7.95 11.92
N ARG B 307 1.41 -8.97 11.11
CA ARG B 307 0.36 -9.73 10.42
C ARG B 307 0.54 -11.22 10.71
N ILE B 308 -0.55 -11.98 10.71
CA ILE B 308 -0.49 -13.43 10.86
C ILE B 308 -1.18 -14.16 9.71
N LYS B 309 -0.91 -15.46 9.58
CA LYS B 309 -1.48 -16.23 8.48
C LYS B 309 -2.98 -16.41 8.65
N THR B 310 -3.72 -16.26 7.55
CA THR B 310 -5.09 -16.75 7.49
C THR B 310 -5.25 -17.69 6.30
N ASN B 311 -6.40 -18.34 6.24
CA ASN B 311 -6.75 -19.16 5.09
C ASN B 311 -7.93 -18.55 4.34
N LEU B 312 -8.08 -17.24 4.44
CA LEU B 312 -9.10 -16.54 3.68
C LEU B 312 -8.80 -16.71 2.18
N LYS B 313 -9.86 -16.64 1.39
CA LYS B 313 -9.75 -16.73 -0.06
C LYS B 313 -8.79 -15.64 -0.57
N PRO B 314 -7.78 -16.03 -1.37
CA PRO B 314 -6.90 -15.01 -1.93
C PRO B 314 -7.58 -14.15 -2.97
N LEU B 315 -7.27 -12.87 -3.01
CA LEU B 315 -7.83 -12.00 -4.03
C LEU B 315 -7.40 -12.45 -5.43
N ASP B 316 -8.36 -12.53 -6.34
CA ASP B 316 -8.09 -12.91 -7.71
C ASP B 316 -8.36 -11.68 -8.58
N LEU B 317 -7.34 -10.86 -8.80
CA LEU B 317 -7.51 -9.62 -9.54
C LEU B 317 -7.99 -9.83 -10.95
N ALA B 318 -7.47 -10.88 -11.60
CA ALA B 318 -7.85 -11.18 -12.97
C ALA B 318 -9.35 -11.42 -13.07
N GLN B 319 -9.86 -12.20 -12.13
CA GLN B 319 -11.29 -12.49 -12.08
C GLN B 319 -12.12 -11.23 -11.81
N VAL B 320 -11.68 -10.42 -10.86
CA VAL B 320 -12.34 -9.14 -10.57
C VAL B 320 -12.35 -8.30 -11.84
N SER B 321 -11.20 -8.28 -12.50
CA SER B 321 -11.10 -7.82 -13.88
C SER B 321 -11.11 -6.30 -14.07
N THR B 322 -12.07 -5.62 -13.43
CA THR B 322 -12.24 -4.19 -13.64
C THR B 322 -12.46 -3.51 -12.31
N LEU B 323 -11.83 -2.35 -12.15
CA LEU B 323 -12.05 -1.49 -10.99
C LEU B 323 -12.35 -0.08 -11.49
N THR B 324 -13.39 0.55 -10.94
CA THR B 324 -13.83 1.86 -11.43
C THR B 324 -13.91 2.90 -10.31
N PHE B 325 -13.78 4.16 -10.70
CA PHE B 325 -13.74 5.29 -9.80
C PHE B 325 -14.47 6.49 -10.37
N HIS B 326 -15.34 7.08 -9.57
CA HIS B 326 -15.91 8.37 -9.94
C HIS B 326 -16.27 9.22 -8.73
N LYS B 327 -16.39 10.52 -8.96
CA LYS B 327 -16.75 11.47 -7.93
C LYS B 327 -18.24 11.35 -7.64
N PRO B 328 -18.66 11.43 -6.36
CA PRO B 328 -20.09 11.39 -6.07
C PRO B 328 -20.75 12.74 -6.36
N SER B 329 -22.02 12.74 -6.77
CA SER B 329 -22.74 14.01 -6.94
C SER B 329 -23.26 14.49 -5.59
N LEU B 330 -22.79 15.68 -5.19
CA LEU B 330 -23.21 16.27 -3.93
C LEU B 330 -24.70 16.63 -3.95
N GLU B 331 -25.23 16.92 -5.14
CA GLU B 331 -26.67 17.22 -5.29
C GLU B 331 -27.52 15.98 -4.96
N HIS B 332 -27.06 14.82 -5.39
CA HIS B 332 -27.76 13.56 -5.14
C HIS B 332 -27.50 13.07 -3.75
N PHE B 333 -26.33 13.42 -3.23
CA PHE B 333 -25.89 12.95 -1.93
C PHE B 333 -25.51 14.10 -1.00
N PRO B 334 -26.49 14.95 -0.65
CA PRO B 334 -26.19 16.16 0.10
C PRO B 334 -25.69 15.93 1.53
N CYS B 335 -25.94 14.74 2.08
CA CYS B 335 -25.38 14.39 3.37
C CYS B 335 -23.85 14.51 3.39
N ILE B 336 -23.20 14.26 2.26
CA ILE B 336 -21.73 14.41 2.18
C ILE B 336 -21.33 15.86 2.43
N LYS B 337 -21.98 16.77 1.72
CA LYS B 337 -21.71 18.19 1.88
C LYS B 337 -21.96 18.67 3.31
N LEU B 338 -23.07 18.24 3.91
CA LEU B 338 -23.36 18.59 5.31
C LEU B 338 -22.27 18.12 6.28
N ALA B 339 -21.76 16.91 6.06
CA ALA B 339 -20.66 16.38 6.88
C ALA B 339 -19.42 17.27 6.79
N TYR B 340 -19.01 17.60 5.56
CA TYR B 340 -17.84 18.48 5.37
C TYR B 340 -18.09 19.81 6.06
N GLN B 341 -19.26 20.38 5.86
CA GLN B 341 -19.55 21.68 6.43
C GLN B 341 -19.47 21.65 7.95
N ALA B 342 -20.00 20.59 8.56
CA ALA B 342 -19.96 20.44 10.01
C ALA B 342 -18.54 20.20 10.51
N GLY B 343 -17.78 19.40 9.77
CA GLY B 343 -16.40 19.15 10.13
C GLY B 343 -15.58 20.43 10.04
N ILE B 344 -15.73 21.15 8.94
CA ILE B 344 -14.96 22.38 8.72
C ILE B 344 -15.26 23.44 9.79
N LYS B 345 -16.53 23.59 10.15
CA LYS B 345 -16.90 24.51 11.21
C LYS B 345 -16.36 24.10 12.57
N GLY B 346 -16.26 22.79 12.79
CA GLY B 346 -15.68 22.29 14.02
C GLY B 346 -16.57 22.56 15.21
N ASN B 347 -15.97 22.84 16.35
CA ASN B 347 -16.69 23.02 17.59
C ASN B 347 -17.53 21.75 17.83
N PHE B 348 -18.81 21.90 18.17
CA PHE B 348 -19.66 20.75 18.40
C PHE B 348 -20.58 20.45 17.20
N TYR B 349 -20.27 21.00 16.03
CA TYR B 349 -21.11 20.76 14.85
C TYR B 349 -21.10 19.27 14.46
N PRO B 350 -19.95 18.59 14.53
CA PRO B 350 -20.03 17.16 14.24
C PRO B 350 -20.91 16.38 15.21
N THR B 351 -20.90 16.78 16.48
CA THR B 351 -21.79 16.17 17.47
C THR B 351 -23.27 16.28 17.04
N VAL B 352 -23.61 17.48 16.57
CA VAL B 352 -24.96 17.84 16.14
C VAL B 352 -25.31 17.08 14.86
N LEU B 353 -24.38 17.06 13.91
CA LEU B 353 -24.53 16.28 12.68
C LEU B 353 -24.87 14.83 12.99
N ASN B 354 -24.09 14.21 13.86
CA ASN B 354 -24.25 12.80 14.17
C ASN B 354 -25.58 12.50 14.86
N ALA B 355 -25.94 13.37 15.79
CA ALA B 355 -27.13 13.21 16.58
C ALA B 355 -28.38 13.38 15.72
N SER B 356 -28.41 14.44 14.92
CA SER B 356 -29.55 14.70 14.04
C SER B 356 -29.71 13.55 13.04
N ASN B 357 -28.60 13.05 12.51
CA ASN B 357 -28.64 11.91 11.63
C ASN B 357 -29.18 10.65 12.29
N GLU B 358 -28.85 10.43 13.55
CA GLU B 358 -29.42 9.28 14.24
C GLU B 358 -30.92 9.26 14.15
N ILE B 359 -31.51 10.42 14.37
CA ILE B 359 -32.96 10.59 14.32
C ILE B 359 -33.49 10.42 12.89
N ALA B 360 -32.92 11.19 11.96
CA ALA B 360 -33.36 11.22 10.56
C ALA B 360 -33.20 9.85 9.92
N ASN B 361 -32.04 9.22 10.13
CA ASN B 361 -31.81 7.86 9.65
C ASN B 361 -32.93 6.92 10.10
N ASN B 362 -33.27 6.95 11.38
CA ASN B 362 -34.25 6.00 11.92
C ASN B 362 -35.66 6.26 11.39
N LEU B 363 -35.98 7.54 11.21
CA LEU B 363 -37.26 7.96 10.65
C LEU B 363 -37.38 7.37 9.25
N PHE B 364 -36.36 7.59 8.43
CA PHE B 364 -36.38 7.02 7.09
C PHE B 364 -36.44 5.50 7.13
N LEU B 365 -35.65 4.89 7.99
CA LEU B 365 -35.65 3.44 8.09
C LEU B 365 -37.05 2.94 8.34
N ASN B 366 -37.82 3.72 9.09
CA ASN B 366 -39.14 3.30 9.53
C ASN B 366 -40.28 3.93 8.71
N ASN B 367 -39.92 4.46 7.54
CA ASN B 367 -40.86 4.96 6.52
C ASN B 367 -41.64 6.18 6.97
N LYS B 368 -41.03 7.00 7.81
CA LYS B 368 -41.73 8.17 8.32
C LYS B 368 -41.41 9.41 7.54
N ILE B 369 -40.26 9.43 6.87
CA ILE B 369 -39.86 10.59 6.08
C ILE B 369 -39.24 10.08 4.78
N LYS B 370 -38.99 11.03 3.89
CA LYS B 370 -38.42 10.71 2.57
C LYS B 370 -36.92 10.91 2.56
N TYR B 371 -36.29 10.48 1.46
CA TYR B 371 -34.86 10.55 1.27
C TYR B 371 -34.30 11.95 1.51
N PHE B 372 -34.79 12.95 0.78
CA PHE B 372 -34.29 14.32 0.95
C PHE B 372 -34.74 14.97 2.25
N ASP B 373 -35.71 14.38 2.94
CA ASP B 373 -36.07 14.86 4.28
C ASP B 373 -34.95 14.61 5.29
N ILE B 374 -34.13 13.59 5.04
CA ILE B 374 -33.02 13.31 5.93
C ILE B 374 -32.01 14.45 5.97
N SER B 375 -31.53 14.84 4.80
CA SER B 375 -30.61 15.98 4.71
C SER B 375 -31.27 17.28 5.15
N SER B 376 -32.53 17.47 4.81
CA SER B 376 -33.21 18.70 5.21
C SER B 376 -33.26 18.85 6.75
N ILE B 377 -33.60 17.78 7.44
CA ILE B 377 -33.70 17.81 8.88
C ILE B 377 -32.34 18.11 9.50
N ILE B 378 -31.34 17.36 9.06
CA ILE B 378 -29.98 17.51 9.54
C ILE B 378 -29.50 18.93 9.33
N SER B 379 -29.70 19.45 8.11
CA SER B 379 -29.29 20.82 7.78
C SER B 379 -29.93 21.85 8.70
N GLN B 380 -31.23 21.69 8.95
CA GLN B 380 -31.96 22.64 9.77
C GLN B 380 -31.47 22.61 11.23
N VAL B 381 -31.20 21.42 11.75
CA VAL B 381 -30.68 21.30 13.10
C VAL B 381 -29.29 21.94 13.21
N LEU B 382 -28.46 21.75 12.19
CA LEU B 382 -27.15 22.37 12.16
C LEU B 382 -27.27 23.90 12.11
N GLU B 383 -28.17 24.39 11.27
CA GLU B 383 -28.48 25.82 11.18
C GLU B 383 -28.92 26.43 12.51
N SER B 384 -29.58 25.64 13.34
CA SER B 384 -30.11 26.18 14.58
C SER B 384 -29.12 26.14 15.76
N PHE B 385 -27.95 25.56 15.55
CA PHE B 385 -26.96 25.45 16.61
C PHE B 385 -25.98 26.62 16.56
N ASN B 386 -25.67 27.20 17.71
CA ASN B 386 -24.62 28.22 17.78
C ASN B 386 -23.46 27.64 18.55
N SER B 387 -22.25 27.93 18.07
CA SER B 387 -21.03 27.48 18.74
C SER B 387 -21.06 27.75 20.23
N GLN B 388 -20.42 26.86 20.98
CA GLN B 388 -20.26 27.03 22.41
C GLN B 388 -18.82 26.98 22.86
N LYS B 389 -18.55 27.67 23.97
CA LYS B 389 -17.26 27.59 24.64
C LYS B 389 -16.97 26.14 24.92
N VAL B 390 -15.79 25.70 24.53
CA VAL B 390 -15.39 24.33 24.80
C VAL B 390 -14.82 24.22 26.22
N SER B 391 -15.48 23.41 27.05
CA SER B 391 -15.04 23.18 28.43
C SER B 391 -13.63 22.63 28.43
N GLU B 392 -12.78 23.13 29.32
CA GLU B 392 -11.42 22.60 29.44
C GLU B 392 -11.39 21.42 30.36
N ASN B 393 -12.31 21.36 31.30
CA ASN B 393 -12.39 20.21 32.16
C ASN B 393 -12.91 19.01 31.37
N SER B 394 -12.23 17.88 31.47
CA SER B 394 -12.61 16.68 30.74
C SER B 394 -14.03 16.19 31.02
N GLU B 395 -14.46 16.21 32.28
CA GLU B 395 -15.81 15.72 32.58
C GLU B 395 -16.85 16.75 32.19
N ASP B 396 -16.53 18.03 32.35
CA ASP B 396 -17.39 19.10 31.89
C ASP B 396 -17.57 18.97 30.38
N LEU B 397 -16.50 18.60 29.68
CA LEU B 397 -16.55 18.44 28.24
C LEU B 397 -17.46 17.26 27.86
N MET B 398 -17.31 16.11 28.49
N MET B 398 -17.30 16.13 28.54
CA MET B 398 -18.23 15.00 28.25
CA MET B 398 -18.17 14.96 28.34
C MET B 398 -19.68 15.42 28.45
C MET B 398 -19.64 15.35 28.50
N LYS B 399 -19.99 16.04 29.59
CA LYS B 399 -21.37 16.51 29.82
C LYS B 399 -21.85 17.42 28.72
N GLN B 400 -20.98 18.31 28.27
CA GLN B 400 -21.32 19.23 27.20
C GLN B 400 -21.71 18.42 25.96
N ILE B 401 -20.90 17.42 25.65
CA ILE B 401 -21.14 16.58 24.48
C ILE B 401 -22.46 15.81 24.61
N LEU B 402 -22.74 15.24 25.77
CA LEU B 402 -24.02 14.56 25.97
C LEU B 402 -25.19 15.52 25.91
N GLN B 403 -25.03 16.69 26.51
CA GLN B 403 -26.06 17.71 26.41
C GLN B 403 -26.41 18.06 24.99
N ILE B 404 -25.40 18.38 24.20
CA ILE B 404 -25.64 18.86 22.84
C ILE B 404 -26.17 17.74 21.97
N HIS B 405 -25.63 16.55 22.13
CA HIS B 405 -26.16 15.38 21.45
C HIS B 405 -27.64 15.17 21.75
N SER B 406 -28.00 15.27 23.01
CA SER B 406 -29.39 15.07 23.40
C SER B 406 -30.27 16.22 22.87
N TRP B 407 -29.76 17.45 22.92
CA TRP B 407 -30.45 18.61 22.33
C TRP B 407 -30.71 18.39 20.84
N ALA B 408 -29.66 18.03 20.11
CA ALA B 408 -29.80 17.83 18.66
C ALA B 408 -30.80 16.74 18.30
N LYS B 409 -30.83 15.65 19.06
CA LYS B 409 -31.82 14.61 18.79
C LYS B 409 -33.23 15.16 19.03
N ASP B 410 -33.41 15.88 20.13
CA ASP B 410 -34.70 16.48 20.43
C ASP B 410 -35.11 17.48 19.37
N LYS B 411 -34.15 18.28 18.91
CA LYS B 411 -34.39 19.28 17.89
C LYS B 411 -34.82 18.61 16.60
N ALA B 412 -34.11 17.57 16.19
CA ALA B 412 -34.47 16.87 14.97
C ALA B 412 -35.86 16.23 15.09
N THR B 413 -36.18 15.66 16.24
CA THR B 413 -37.48 15.09 16.46
C THR B 413 -38.54 16.18 16.42
N ASP B 414 -38.22 17.37 16.91
CA ASP B 414 -39.18 18.46 16.87
C ASP B 414 -39.45 18.92 15.44
N ILE B 415 -38.42 19.03 14.61
CA ILE B 415 -38.59 19.45 13.22
C ILE B 415 -39.47 18.45 12.49
N TYR B 416 -39.23 17.16 12.74
CA TYR B 416 -40.08 16.16 12.15
C TYR B 416 -41.52 16.28 12.67
N ASN B 417 -41.69 16.39 13.97
CA ASN B 417 -43.03 16.43 14.55
C ASN B 417 -43.84 17.61 14.03
N LYS B 418 -43.17 18.75 13.84
CA LYS B 418 -43.86 19.98 13.41
C LYS B 418 -44.16 20.07 11.94
N HIS B 419 -43.46 19.29 11.12
CA HIS B 419 -43.67 19.33 9.68
C HIS B 419 -44.77 18.35 9.29
N ASN B 420 -45.59 18.73 8.31
CA ASN B 420 -46.41 17.70 7.69
C ASN B 420 -45.82 17.19 6.41
O6 RF7 C . 7.24 -4.76 -19.36
P4 RF7 C . 6.13 -3.75 -19.31
O5 RF7 C . 5.48 -3.64 -20.65
O7 RF7 C . 5.08 -4.19 -18.30
C1 RF7 C . 6.71 -2.10 -18.80
C2 RF7 C . 8.03 -1.68 -19.42
C3 RF7 C . 8.65 -0.57 -18.57
C8 RF7 C . 9.21 -1.02 -17.23
N9 RF7 C . 9.26 -0.16 -16.21
O10 RF7 C . 9.77 -0.59 -14.99
C11 RF7 C . 8.77 1.20 -16.34
O12 RF7 C . 9.63 -2.16 -17.07
C13 RF7 C . 7.88 -1.08 -20.79
C15 RF7 C . 6.65 -0.69 -21.28
C16 RF7 C . 6.54 -0.12 -22.55
C18 RF7 C . 7.68 0.06 -23.34
C17 RF7 C . 8.91 -0.34 -22.84
C14 RF7 C . 9.01 -0.90 -21.58
MN MN D . 9.92 -2.75 -14.98
CL CL E . 15.91 2.33 -20.73
O6 RF7 F . -21.28 2.24 1.16
P4 RF7 F . -20.13 2.51 2.10
O5 RF7 F . -18.97 3.05 1.30
O7 RF7 F . -20.54 3.57 3.09
C1 RF7 F . -19.61 1.00 2.94
C2 RF7 F . -20.47 0.62 4.14
C3 RF7 F . -19.67 -0.33 5.03
C8 RF7 F . -18.45 0.28 5.67
N9 RF7 F . -17.38 -0.49 5.90
O10 RF7 F . -16.25 0.04 6.50
C11 RF7 F . -17.37 -1.90 5.55
O12 RF7 F . -18.46 1.47 5.97
C13 RF7 F . -21.70 -0.15 3.77
C15 RF7 F . -21.97 -0.52 2.45
C16 RF7 F . -23.11 -1.26 2.15
C18 RF7 F . -23.98 -1.65 3.17
C17 RF7 F . -23.70 -1.29 4.48
C14 RF7 F . -22.56 -0.56 4.78
MN MN G . -16.51 2.18 6.60
S SO4 H . -9.54 22.16 6.82
O1 SO4 H . -9.41 21.01 7.75
O2 SO4 H . -10.88 22.77 6.94
O3 SO4 H . -8.50 23.18 7.17
O4 SO4 H . -9.30 21.76 5.40
#